data_8GDL
#
_entry.id   8GDL
#
_cell.length_a   47.968
_cell.length_b   71.898
_cell.length_c   113.513
_cell.angle_alpha   90.00
_cell.angle_beta   91.54
_cell.angle_gamma   90.00
#
_symmetry.space_group_name_H-M   'P 1 21 1'
#
loop_
_entity.id
_entity.type
_entity.pdbx_description
1 polymer 'Secreted salivary acid phosphatase'
2 non-polymer SEROTONIN
3 non-polymer 'SULFATE ION'
4 non-polymer 'PALMITOLEIC ACID'
5 water water
#
_entity_poly.entity_id   1
_entity_poly.type   'polypeptide(L)'
_entity_poly.pdbx_seq_one_letter_code
;SGTGSDDLKFVFVMARGGDFVAGDYAGGPKIINKEAKDSELTEQGKQEAFQLGTKLSGLYKTKLGVSKWDSKTYWPVAIS
QKRAQVSTLITGAGLEGDQSKRDKTWTDQELKATSFPAMESFSRFIKPSECPNYLKELLAQQGEITTIVKECISSVQQVK
SKYPAVDEKMPQHIWLAYETLKKLKRQQPSSSTWMTDDLMKNLRECSAKITWLATTKTDTLRKLSGGLLLNDLFNDMDQI
TQGKAQPNAPGGKDSKLNVFTVSQFLVISQLAAFMPEGSKLNNKAVTASDIYPEDGSHVDIEMYQENNKWSVKLVYVSGK
DKQPQTITLPGCQEKCPYEQFKSALQKYKITDEEHQKACKN
;
_entity_poly.pdbx_strand_id   A,B
#
# COMPACT_ATOMS: atom_id res chain seq x y z
N ASP A 7 9.90 -25.44 15.13
CA ASP A 7 8.94 -26.08 14.24
C ASP A 7 9.12 -25.60 12.79
N LEU A 8 8.70 -24.36 12.49
CA LEU A 8 9.23 -23.69 11.30
C LEU A 8 10.69 -23.41 11.54
N LYS A 9 11.58 -23.89 10.67
CA LYS A 9 13.01 -23.75 10.91
C LYS A 9 13.71 -22.75 10.01
N PHE A 10 13.20 -22.49 8.81
CA PHE A 10 13.92 -21.70 7.83
C PHE A 10 12.95 -21.32 6.72
N VAL A 11 13.07 -20.10 6.19
CA VAL A 11 12.22 -19.64 5.09
C VAL A 11 13.09 -19.02 4.01
N PHE A 12 12.84 -19.42 2.76
CA PHE A 12 13.30 -18.67 1.59
C PHE A 12 12.13 -17.84 1.06
N VAL A 13 12.40 -16.58 0.75
CA VAL A 13 11.43 -15.71 0.06
C VAL A 13 12.07 -15.24 -1.24
N MET A 14 11.34 -15.31 -2.37
CA MET A 14 11.78 -14.54 -3.53
C MET A 14 10.67 -13.55 -3.86
N ALA A 15 11.02 -12.28 -3.97
CA ALA A 15 9.98 -11.27 -4.14
C ALA A 15 10.33 -10.41 -5.36
N ARG A 16 9.29 -10.03 -6.10
CA ARG A 16 9.51 -9.06 -7.16
C ARG A 16 9.90 -7.71 -6.54
N GLY A 17 10.84 -7.03 -7.18
CA GLY A 17 11.35 -5.80 -6.64
C GLY A 17 10.31 -4.70 -6.61
N GLY A 18 10.50 -3.77 -5.67
CA GLY A 18 9.60 -2.65 -5.53
C GLY A 18 9.55 -1.78 -6.78
N ASP A 19 8.44 -1.07 -6.90
CA ASP A 19 8.16 -0.26 -8.09
C ASP A 19 9.29 0.74 -8.33
N PHE A 20 9.65 0.93 -9.59
CA PHE A 20 10.74 1.84 -9.95
C PHE A 20 10.28 2.73 -11.10
N VAL A 21 11.04 3.80 -11.31
CA VAL A 21 10.65 4.78 -12.32
C VAL A 21 10.62 4.08 -13.67
N ALA A 22 9.48 4.21 -14.36
CA ALA A 22 9.22 3.47 -15.60
C ALA A 22 10.37 3.62 -16.57
N GLY A 23 10.90 2.47 -17.01
CA GLY A 23 12.03 2.50 -17.94
C GLY A 23 11.97 1.31 -18.87
N ASP A 24 12.75 1.40 -19.95
CA ASP A 24 12.81 0.32 -20.94
C ASP A 24 13.66 -0.84 -20.46
N TYR A 25 13.24 -2.06 -20.78
CA TYR A 25 14.00 -3.24 -20.42
C TYR A 25 15.08 -3.53 -21.45
N ALA A 26 16.23 -4.01 -20.97
CA ALA A 26 17.21 -4.60 -21.88
C ALA A 26 16.60 -5.83 -22.53
N GLY A 27 16.52 -5.82 -23.85
CA GLY A 27 15.75 -6.81 -24.58
C GLY A 27 14.33 -6.41 -24.87
N GLY A 28 13.88 -5.27 -24.34
CA GLY A 28 12.53 -4.80 -24.57
C GLY A 28 12.54 -3.74 -25.65
N PRO A 29 11.35 -3.29 -26.05
CA PRO A 29 11.27 -2.19 -27.03
C PRO A 29 11.51 -0.83 -26.38
N LYS A 30 12.01 0.10 -27.19
CA LYS A 30 12.22 1.47 -26.77
C LYS A 30 10.87 2.17 -26.71
N ILE A 31 10.38 2.43 -25.49
CA ILE A 31 9.12 3.13 -25.29
C ILE A 31 9.43 4.42 -24.53
N ILE A 32 10.07 4.27 -23.37
CA ILE A 32 10.39 5.43 -22.55
C ILE A 32 11.58 6.18 -23.12
N ASN A 33 12.50 5.51 -23.80
CA ASN A 33 13.79 6.08 -24.20
C ASN A 33 14.65 6.44 -22.99
N LYS A 34 14.37 5.79 -21.86
CA LYS A 34 15.28 5.73 -20.73
C LYS A 34 15.37 4.27 -20.33
N GLU A 35 16.53 3.88 -19.83
CA GLU A 35 16.79 2.48 -19.54
C GLU A 35 16.38 2.17 -18.10
N ALA A 36 15.62 1.08 -17.91
CA ALA A 36 15.20 0.73 -16.56
C ALA A 36 16.38 0.51 -15.64
N LYS A 37 17.53 0.13 -16.19
CA LYS A 37 18.69 -0.12 -15.37
C LYS A 37 19.24 1.15 -14.73
N ASP A 38 18.72 2.32 -15.10
CA ASP A 38 19.06 3.61 -14.51
C ASP A 38 17.99 4.13 -13.56
N SER A 39 16.95 3.36 -13.30
CA SER A 39 15.77 3.85 -12.58
C SER A 39 15.95 3.79 -11.07
N GLU A 40 15.54 4.86 -10.40
CA GLU A 40 15.35 4.84 -8.95
C GLU A 40 14.07 4.07 -8.61
N LEU A 41 14.04 3.51 -7.39
CA LEU A 41 12.75 3.09 -6.85
C LEU A 41 11.88 4.33 -6.67
N THR A 42 10.60 4.19 -7.00
CA THR A 42 9.70 5.29 -6.66
C THR A 42 9.50 5.29 -5.14
N GLU A 43 8.97 6.42 -4.67
CA GLU A 43 8.59 6.52 -3.26
C GLU A 43 7.60 5.40 -2.89
N GLN A 44 6.65 5.11 -3.77
CA GLN A 44 5.77 3.95 -3.56
C GLN A 44 6.58 2.66 -3.49
N GLY A 45 7.57 2.51 -4.38
CA GLY A 45 8.34 1.27 -4.40
C GLY A 45 9.17 1.06 -3.14
N LYS A 46 9.72 2.14 -2.60
CA LYS A 46 10.43 2.05 -1.32
C LYS A 46 9.49 1.66 -0.19
N GLN A 47 8.27 2.20 -0.17
CA GLN A 47 7.34 1.82 0.87
C GLN A 47 6.89 0.38 0.70
N GLU A 48 6.70 -0.07 -0.55
CA GLU A 48 6.29 -1.44 -0.80
C GLU A 48 7.37 -2.43 -0.35
N ALA A 49 8.63 -2.12 -0.64
CA ALA A 49 9.73 -2.99 -0.24
C ALA A 49 9.84 -3.06 1.27
N PHE A 50 9.68 -1.92 1.94
CA PHE A 50 9.71 -1.88 3.39
C PHE A 50 8.53 -2.64 3.99
N GLN A 51 7.33 -2.43 3.46
CA GLN A 51 6.16 -3.15 3.95
C GLN A 51 6.37 -4.65 3.85
N LEU A 52 7.00 -5.11 2.77
CA LEU A 52 7.25 -6.54 2.64
C LEU A 52 8.07 -7.06 3.82
N GLY A 53 9.09 -6.31 4.23
CA GLY A 53 9.90 -6.76 5.35
C GLY A 53 9.15 -6.70 6.67
N THR A 54 8.28 -5.71 6.83
CA THR A 54 7.46 -5.71 8.04
C THR A 54 6.48 -6.88 8.01
N LYS A 55 5.90 -7.15 6.84
CA LYS A 55 5.03 -8.31 6.65
C LYS A 55 5.74 -9.60 6.97
N LEU A 56 6.95 -9.77 6.42
CA LEU A 56 7.66 -11.02 6.64
C LEU A 56 8.04 -11.21 8.10
N SER A 57 8.43 -10.13 8.78
CA SER A 57 8.74 -10.25 10.20
C SER A 57 7.52 -10.74 10.98
N GLY A 58 6.35 -10.17 10.69
CA GLY A 58 5.15 -10.58 11.41
C GLY A 58 4.75 -12.00 11.11
N LEU A 59 5.02 -12.45 9.88
CA LEU A 59 4.69 -13.81 9.47
C LEU A 59 5.60 -14.83 10.14
N TYR A 60 6.88 -14.50 10.34
CA TYR A 60 7.91 -15.52 10.56
C TYR A 60 8.84 -15.30 11.74
N LYS A 61 9.00 -14.07 12.25
CA LYS A 61 10.00 -13.80 13.29
C LYS A 61 9.87 -14.75 14.46
N THR A 62 8.68 -14.77 15.07
CA THR A 62 8.47 -15.57 16.26
C THR A 62 8.45 -17.07 15.95
N LYS A 63 7.87 -17.46 14.81
CA LYS A 63 7.89 -18.87 14.44
C LYS A 63 9.31 -19.38 14.22
N LEU A 64 10.19 -18.55 13.65
CA LEU A 64 11.57 -18.93 13.42
C LEU A 64 12.44 -18.84 14.67
N GLY A 65 11.93 -18.29 15.76
CA GLY A 65 12.71 -18.15 16.98
C GLY A 65 13.72 -17.02 16.95
N VAL A 66 13.49 -16.00 16.13
CA VAL A 66 14.45 -14.92 15.97
C VAL A 66 14.09 -13.80 16.94
N SER A 67 15.03 -13.43 17.81
CA SER A 67 14.80 -12.34 18.73
C SER A 67 15.15 -10.98 18.13
N LYS A 68 16.06 -10.92 17.16
CA LYS A 68 16.42 -9.65 16.53
C LYS A 68 16.82 -9.89 15.09
N TRP A 69 16.14 -9.22 14.16
CA TRP A 69 16.55 -9.24 12.76
C TRP A 69 17.81 -8.38 12.60
N ASP A 70 18.88 -8.97 12.07
CA ASP A 70 20.13 -8.25 11.85
C ASP A 70 20.97 -9.04 10.85
N SER A 71 22.24 -8.63 10.69
CA SER A 71 23.12 -9.26 9.71
C SER A 71 23.32 -10.75 9.98
N LYS A 72 23.07 -11.21 11.19
CA LYS A 72 23.25 -12.64 11.48
C LYS A 72 22.00 -13.46 11.20
N THR A 73 20.81 -12.87 11.26
CA THR A 73 19.59 -13.67 11.26
C THR A 73 18.85 -13.68 9.93
N TYR A 74 19.09 -12.72 9.04
CA TYR A 74 18.49 -12.81 7.72
C TYR A 74 19.55 -12.45 6.68
N TRP A 75 19.34 -12.96 5.47
CA TRP A 75 20.27 -12.76 4.37
C TRP A 75 19.55 -12.11 3.21
N PRO A 76 19.74 -10.80 2.98
CA PRO A 76 19.12 -10.15 1.82
C PRO A 76 19.99 -10.23 0.59
N VAL A 77 19.47 -10.80 -0.50
CA VAL A 77 20.19 -10.98 -1.74
C VAL A 77 19.36 -10.42 -2.89
N ALA A 78 19.99 -10.25 -4.05
CA ALA A 78 19.27 -9.66 -5.17
C ALA A 78 20.02 -9.92 -6.46
N ILE A 79 19.28 -9.86 -7.58
CA ILE A 79 19.98 -9.94 -8.86
C ILE A 79 20.78 -8.67 -9.06
N SER A 80 21.65 -8.70 -10.07
CA SER A 80 22.62 -7.64 -10.35
C SER A 80 21.97 -6.44 -11.04
N GLN A 81 20.98 -5.86 -10.37
CA GLN A 81 20.36 -4.63 -10.83
C GLN A 81 20.14 -3.71 -9.64
N LYS A 82 20.53 -2.43 -9.79
CA LYS A 82 20.46 -1.49 -8.66
C LYS A 82 19.06 -1.47 -8.04
N ARG A 83 18.02 -1.40 -8.87
CA ARG A 83 16.67 -1.27 -8.35
C ARG A 83 16.27 -2.51 -7.54
N ALA A 84 16.76 -3.69 -7.91
CA ALA A 84 16.47 -4.89 -7.14
C ALA A 84 17.31 -4.95 -5.87
N GLN A 85 18.57 -4.50 -5.95
CA GLN A 85 19.46 -4.47 -4.79
C GLN A 85 18.96 -3.45 -3.75
N VAL A 86 18.64 -2.23 -4.18
CA VAL A 86 18.04 -1.26 -3.27
C VAL A 86 16.80 -1.86 -2.61
N SER A 87 15.93 -2.49 -3.41
CA SER A 87 14.68 -3.04 -2.91
C SER A 87 14.96 -4.06 -1.80
N THR A 88 15.90 -4.97 -2.04
CA THR A 88 16.14 -6.01 -1.05
C THR A 88 16.69 -5.42 0.24
N LEU A 89 17.53 -4.38 0.15
CA LEU A 89 18.07 -3.79 1.38
C LEU A 89 17.00 -3.04 2.15
N ILE A 90 16.04 -2.43 1.44
CA ILE A 90 14.95 -1.74 2.11
C ILE A 90 14.01 -2.74 2.77
N THR A 91 13.82 -3.89 2.13
CA THR A 91 13.06 -4.95 2.78
C THR A 91 13.75 -5.40 4.06
N GLY A 92 15.08 -5.49 4.03
CA GLY A 92 15.82 -5.74 5.25
C GLY A 92 15.58 -4.67 6.30
N ALA A 93 15.52 -3.40 5.89
CA ALA A 93 15.22 -2.34 6.85
C ALA A 93 13.86 -2.58 7.49
N GLY A 94 12.89 -3.04 6.70
CA GLY A 94 11.57 -3.34 7.23
C GLY A 94 11.57 -4.46 8.25
N LEU A 95 12.33 -5.53 7.98
CA LEU A 95 12.55 -6.56 8.99
C LEU A 95 13.10 -5.98 10.28
N GLU A 96 14.16 -5.18 10.18
CA GLU A 96 14.76 -4.58 11.37
C GLU A 96 13.91 -3.47 11.97
N GLY A 97 12.87 -3.03 11.28
CA GLY A 97 12.12 -1.87 11.73
C GLY A 97 12.99 -0.63 11.78
N ASP A 98 13.86 -0.45 10.78
CA ASP A 98 14.76 0.70 10.73
C ASP A 98 14.20 1.69 9.72
N GLN A 99 13.47 2.67 10.25
CA GLN A 99 12.73 3.61 9.41
C GLN A 99 13.64 4.39 8.48
N SER A 100 14.76 4.91 9.02
CA SER A 100 15.58 5.84 8.25
C SER A 100 16.34 5.14 7.12
N LYS A 101 16.62 3.83 7.27
CA LYS A 101 17.31 3.11 6.20
C LYS A 101 16.44 2.94 4.96
N ARG A 102 15.11 3.08 5.09
CA ARG A 102 14.26 3.08 3.90
C ARG A 102 14.73 4.10 2.88
N ASP A 103 15.07 5.32 3.33
CA ASP A 103 15.48 6.42 2.46
C ASP A 103 16.99 6.54 2.31
N LYS A 104 17.75 5.53 2.72
CA LYS A 104 19.19 5.60 2.62
C LYS A 104 19.60 5.63 1.15
N THR A 105 20.67 6.37 0.85
CA THR A 105 21.31 6.24 -0.45
C THR A 105 22.40 5.21 -0.27
N TRP A 106 22.04 3.96 -0.53
CA TRP A 106 22.94 2.85 -0.29
C TRP A 106 24.20 3.03 -1.11
N THR A 107 25.34 2.81 -0.48
CA THR A 107 26.62 2.85 -1.18
C THR A 107 26.66 1.80 -2.28
N ASP A 108 27.49 2.06 -3.29
CA ASP A 108 27.78 1.03 -4.29
C ASP A 108 28.16 -0.27 -3.59
N GLN A 109 28.96 -0.15 -2.53
CA GLN A 109 29.44 -1.32 -1.78
C GLN A 109 28.29 -2.08 -1.13
N GLU A 110 27.38 -1.37 -0.44
CA GLU A 110 26.24 -2.08 0.15
C GLU A 110 25.35 -2.71 -0.90
N LEU A 111 25.34 -2.16 -2.11
CA LEU A 111 24.50 -2.73 -3.15
C LEU A 111 25.12 -4.01 -3.70
N LYS A 112 26.43 -4.03 -3.96
CA LYS A 112 27.07 -5.24 -4.48
C LYS A 112 27.04 -6.36 -3.45
N ALA A 113 27.03 -6.02 -2.15
CA ALA A 113 27.01 -7.00 -1.07
C ALA A 113 25.66 -7.67 -0.87
N THR A 114 24.95 -7.93 -1.97
CA THR A 114 23.68 -8.63 -1.97
C THR A 114 23.74 -9.84 -2.89
N SER A 115 24.94 -10.34 -3.17
CA SER A 115 25.10 -11.41 -4.15
C SER A 115 25.32 -12.76 -3.48
N PHE A 116 25.07 -13.82 -4.25
CA PHE A 116 25.42 -15.17 -3.87
C PHE A 116 25.94 -15.88 -5.11
N PRO A 117 26.64 -17.01 -4.93
CA PRO A 117 27.42 -17.57 -6.05
C PRO A 117 26.62 -17.98 -7.28
N ALA A 118 25.47 -18.63 -7.12
CA ALA A 118 24.68 -19.04 -8.27
C ALA A 118 23.85 -17.93 -8.89
N MET A 119 23.88 -16.71 -8.33
CA MET A 119 22.96 -15.66 -8.75
C MET A 119 23.01 -15.36 -10.25
N GLU A 120 24.19 -15.06 -10.78
CA GLU A 120 24.22 -14.65 -12.18
C GLU A 120 23.80 -15.77 -13.14
N SER A 121 24.08 -17.03 -12.78
CA SER A 121 23.67 -18.13 -13.64
C SER A 121 22.17 -18.16 -13.83
N PHE A 122 21.40 -17.63 -12.86
CA PHE A 122 19.94 -17.61 -12.98
C PHE A 122 19.47 -16.77 -14.18
N SER A 123 20.27 -15.83 -14.66
CA SER A 123 19.88 -14.98 -15.78
C SER A 123 20.44 -15.45 -17.11
N ARG A 124 21.17 -16.57 -17.13
CA ARG A 124 21.83 -17.01 -18.36
C ARG A 124 20.83 -17.27 -19.48
N PHE A 125 19.68 -17.86 -19.15
CA PHE A 125 18.82 -18.33 -20.23
C PHE A 125 18.19 -17.19 -21.03
N ILE A 126 18.19 -15.97 -20.49
CA ILE A 126 17.65 -14.81 -21.21
C ILE A 126 18.72 -13.84 -21.68
N LYS A 127 19.99 -14.13 -21.40
CA LYS A 127 21.04 -13.24 -21.83
C LYS A 127 21.33 -13.44 -23.31
N PRO A 128 21.36 -12.38 -24.12
CA PRO A 128 21.52 -12.55 -25.57
C PRO A 128 22.81 -13.28 -25.90
N SER A 129 22.68 -14.22 -26.84
CA SER A 129 23.76 -15.06 -27.34
C SER A 129 24.21 -16.14 -26.36
N GLU A 130 23.77 -16.09 -25.09
CA GLU A 130 24.33 -17.00 -24.09
C GLU A 130 23.60 -18.33 -24.01
N CYS A 131 22.34 -18.39 -24.45
CA CYS A 131 21.54 -19.60 -24.35
C CYS A 131 20.68 -19.76 -25.60
N PRO A 132 21.31 -19.98 -26.75
CA PRO A 132 20.52 -20.08 -27.99
C PRO A 132 19.51 -21.22 -27.99
N ASN A 133 19.77 -22.30 -27.24
CA ASN A 133 18.82 -23.41 -27.27
C ASN A 133 17.52 -23.05 -26.55
N TYR A 134 17.58 -22.16 -25.55
CA TYR A 134 16.34 -21.72 -24.93
C TYR A 134 15.47 -20.95 -25.93
N LEU A 135 16.09 -20.05 -26.72
CA LEU A 135 15.33 -19.30 -27.71
C LEU A 135 14.84 -20.18 -28.87
N LYS A 136 15.65 -21.14 -29.31
CA LYS A 136 15.16 -22.09 -30.30
C LYS A 136 13.91 -22.79 -29.78
N GLU A 137 13.90 -23.12 -28.50
CA GLU A 137 12.80 -23.93 -27.99
C GLU A 137 11.56 -23.08 -27.74
N LEU A 138 11.75 -21.79 -27.48
CA LEU A 138 10.61 -20.89 -27.36
C LEU A 138 10.00 -20.60 -28.72
N LEU A 139 10.83 -20.34 -29.73
CA LEU A 139 10.30 -20.10 -31.07
C LEU A 139 9.65 -21.35 -31.64
N ALA A 140 10.05 -22.54 -31.17
CA ALA A 140 9.42 -23.78 -31.63
C ALA A 140 7.95 -23.86 -31.24
N GLN A 141 7.52 -23.05 -30.27
CA GLN A 141 6.12 -23.01 -29.86
C GLN A 141 5.34 -21.95 -30.61
N GLN A 142 5.77 -21.61 -31.84
CA GLN A 142 5.19 -20.47 -32.55
C GLN A 142 3.72 -20.67 -32.83
N GLY A 143 3.29 -21.92 -33.05
CA GLY A 143 1.87 -22.17 -33.25
C GLY A 143 1.03 -21.62 -32.11
N GLU A 144 1.39 -21.97 -30.88
CA GLU A 144 0.63 -21.48 -29.72
C GLU A 144 0.80 -19.99 -29.53
N ILE A 145 2.01 -19.48 -29.78
CA ILE A 145 2.28 -18.05 -29.63
C ILE A 145 1.40 -17.24 -30.57
N THR A 146 1.32 -17.67 -31.83
CA THR A 146 0.47 -16.98 -32.81
C THR A 146 -1.00 -16.97 -32.37
N THR A 147 -1.47 -18.09 -31.82
CA THR A 147 -2.85 -18.16 -31.34
C THR A 147 -3.09 -17.22 -30.16
N ILE A 148 -2.13 -17.14 -29.24
CA ILE A 148 -2.24 -16.21 -28.12
C ILE A 148 -2.23 -14.78 -28.62
N VAL A 149 -1.21 -14.43 -29.42
CA VAL A 149 -1.03 -13.07 -29.90
C VAL A 149 -2.20 -12.64 -30.78
N LYS A 150 -2.84 -13.59 -31.46
CA LYS A 150 -4.01 -13.26 -32.27
C LYS A 150 -5.09 -12.61 -31.43
N GLU A 151 -5.10 -12.90 -30.12
CA GLU A 151 -6.07 -12.32 -29.19
C GLU A 151 -5.77 -10.85 -28.87
N CYS A 152 -4.53 -10.41 -29.00
CA CYS A 152 -4.17 -9.04 -28.64
C CYS A 152 -3.51 -8.28 -29.78
N ILE A 153 -3.55 -8.80 -31.00
CA ILE A 153 -2.78 -8.16 -32.07
C ILE A 153 -3.34 -6.79 -32.39
N SER A 154 -4.65 -6.58 -32.22
CA SER A 154 -5.23 -5.25 -32.39
C SER A 154 -4.63 -4.25 -31.40
N SER A 155 -4.49 -4.64 -30.14
CA SER A 155 -3.93 -3.73 -29.14
C SER A 155 -2.44 -3.49 -29.40
N VAL A 156 -1.71 -4.56 -29.76
CA VAL A 156 -0.30 -4.42 -30.10
C VAL A 156 -0.12 -3.44 -31.26
N GLN A 157 -1.04 -3.47 -32.22
CA GLN A 157 -0.95 -2.55 -33.36
C GLN A 157 -1.14 -1.10 -32.91
N GLN A 158 -2.02 -0.86 -31.93
CA GLN A 158 -2.20 0.50 -31.41
C GLN A 158 -0.97 0.95 -30.62
N VAL A 159 -0.37 0.05 -29.86
CA VAL A 159 0.87 0.35 -29.14
C VAL A 159 1.98 0.69 -30.12
N LYS A 160 2.17 -0.16 -31.14
CA LYS A 160 3.23 0.09 -32.11
C LYS A 160 3.00 1.38 -32.87
N SER A 161 1.73 1.77 -33.05
CA SER A 161 1.42 3.05 -33.67
C SER A 161 2.02 4.22 -32.89
N LYS A 162 1.97 4.16 -31.56
CA LYS A 162 2.55 5.20 -30.72
C LYS A 162 4.03 4.97 -30.43
N TYR A 163 4.50 3.71 -30.48
CA TYR A 163 5.90 3.39 -30.18
C TYR A 163 6.40 2.39 -31.23
N PRO A 164 6.96 2.89 -32.33
CA PRO A 164 7.28 2.01 -33.47
C PRO A 164 8.33 0.93 -33.17
N ALA A 165 9.06 1.03 -32.06
CA ALA A 165 10.09 0.04 -31.77
C ALA A 165 9.51 -1.29 -31.32
N VAL A 166 8.22 -1.34 -30.99
CA VAL A 166 7.59 -2.56 -30.52
C VAL A 166 7.44 -3.51 -31.70
N ASP A 167 8.05 -4.69 -31.60
CA ASP A 167 8.11 -5.63 -32.71
C ASP A 167 7.25 -6.83 -32.31
N GLU A 168 6.04 -6.90 -32.86
CA GLU A 168 5.11 -7.97 -32.52
C GLU A 168 5.67 -9.35 -32.87
N LYS A 169 6.68 -9.43 -33.73
CA LYS A 169 7.30 -10.72 -34.06
C LYS A 169 8.18 -11.22 -32.94
N MET A 170 8.58 -10.34 -32.03
CA MET A 170 9.41 -10.72 -30.89
C MET A 170 8.47 -10.99 -29.72
N PRO A 171 8.29 -12.24 -29.28
CA PRO A 171 7.32 -12.50 -28.21
C PRO A 171 7.59 -11.70 -26.95
N GLN A 172 8.86 -11.50 -26.60
CA GLN A 172 9.19 -10.74 -25.40
C GLN A 172 8.83 -9.26 -25.53
N HIS A 173 8.72 -8.72 -26.74
CA HIS A 173 8.34 -7.31 -26.87
C HIS A 173 6.91 -7.05 -26.42
N ILE A 174 6.01 -8.01 -26.63
CA ILE A 174 4.63 -7.82 -26.19
C ILE A 174 4.56 -7.80 -24.67
N TRP A 175 5.23 -8.77 -24.04
CA TRP A 175 5.28 -8.85 -22.58
C TRP A 175 5.98 -7.63 -21.98
N LEU A 176 7.16 -7.28 -22.50
CA LEU A 176 7.92 -6.18 -21.93
C LEU A 176 7.30 -4.82 -22.22
N ALA A 177 6.62 -4.67 -23.37
CA ALA A 177 5.88 -3.43 -23.61
C ALA A 177 4.73 -3.30 -22.62
N TYR A 178 4.03 -4.39 -22.31
CA TYR A 178 2.91 -4.31 -21.37
C TYR A 178 3.40 -3.89 -19.99
N GLU A 179 4.49 -4.50 -19.53
CA GLU A 179 5.01 -4.17 -18.20
C GLU A 179 5.52 -2.74 -18.15
N THR A 180 6.16 -2.27 -19.22
CA THR A 180 6.60 -0.88 -19.29
C THR A 180 5.40 0.06 -19.28
N LEU A 181 4.42 -0.20 -20.14
CA LEU A 181 3.22 0.63 -20.18
C LEU A 181 2.47 0.59 -18.86
N LYS A 182 2.46 -0.56 -18.18
CA LYS A 182 1.77 -0.65 -16.91
C LYS A 182 2.36 0.34 -15.90
N LYS A 183 3.69 0.40 -15.79
CA LYS A 183 4.28 1.35 -14.86
C LYS A 183 3.98 2.78 -15.29
N LEU A 184 4.07 3.05 -16.60
CA LEU A 184 3.83 4.39 -17.12
C LEU A 184 2.42 4.88 -16.78
N LYS A 185 1.42 4.01 -16.97
CA LYS A 185 0.03 4.33 -16.63
C LYS A 185 -0.12 4.64 -15.14
N ARG A 186 0.52 3.82 -14.29
CA ARG A 186 0.46 4.05 -12.85
C ARG A 186 1.07 5.40 -12.48
N GLN A 187 2.26 5.67 -13.03
CA GLN A 187 3.08 6.78 -12.57
C GLN A 187 2.71 8.10 -13.23
N GLN A 188 2.19 8.07 -14.46
CA GLN A 188 1.79 9.27 -15.19
C GLN A 188 0.41 9.06 -15.82
N PRO A 189 -0.64 9.04 -15.00
CA PRO A 189 -1.96 8.69 -15.55
C PRO A 189 -2.52 9.73 -16.52
N SER A 190 -2.23 11.02 -16.34
CA SER A 190 -2.80 12.05 -17.22
C SER A 190 -2.43 11.80 -18.67
N SER A 191 -1.20 11.38 -18.92
CA SER A 191 -0.69 11.16 -20.26
C SER A 191 -0.98 9.76 -20.80
N SER A 192 -1.68 8.91 -20.03
CA SER A 192 -1.81 7.51 -20.38
C SER A 192 -3.27 7.12 -20.66
N THR A 193 -4.11 8.10 -20.99
CA THR A 193 -5.52 7.82 -21.25
C THR A 193 -5.74 6.97 -22.49
N TRP A 194 -4.72 6.82 -23.35
CA TRP A 194 -4.84 5.93 -24.50
C TRP A 194 -4.76 4.46 -24.10
N MET A 195 -4.07 4.14 -23.01
CA MET A 195 -4.07 2.76 -22.53
C MET A 195 -5.31 2.55 -21.69
N THR A 196 -6.42 2.22 -22.36
CA THR A 196 -7.66 1.98 -21.67
C THR A 196 -7.58 0.67 -20.88
N ASP A 197 -8.56 0.50 -19.98
CA ASP A 197 -8.70 -0.75 -19.24
C ASP A 197 -8.69 -1.95 -20.18
N ASP A 198 -9.50 -1.90 -21.24
CA ASP A 198 -9.61 -3.01 -22.17
C ASP A 198 -8.31 -3.25 -22.92
N LEU A 199 -7.58 -2.18 -23.29
CA LEU A 199 -6.32 -2.39 -24.00
C LEU A 199 -5.28 -3.06 -23.09
N MET A 200 -5.16 -2.60 -21.83
CA MET A 200 -4.19 -3.17 -20.92
C MET A 200 -4.58 -4.58 -20.49
N LYS A 201 -5.85 -4.80 -20.12
CA LYS A 201 -6.27 -6.15 -19.77
C LYS A 201 -6.02 -7.12 -20.93
N ASN A 202 -6.16 -6.65 -22.16
CA ASN A 202 -5.91 -7.48 -23.33
C ASN A 202 -4.42 -7.76 -23.49
N LEU A 203 -3.58 -6.72 -23.36
CA LEU A 203 -2.14 -6.95 -23.37
C LEU A 203 -1.70 -7.83 -22.21
N ARG A 204 -2.34 -7.67 -21.04
CA ARG A 204 -1.94 -8.46 -19.87
C ARG A 204 -2.18 -9.95 -20.12
N GLU A 205 -3.32 -10.29 -20.72
CA GLU A 205 -3.63 -11.69 -20.99
C GLU A 205 -2.58 -12.30 -21.92
N CYS A 206 -2.18 -11.54 -22.95
CA CYS A 206 -1.13 -11.98 -23.85
C CYS A 206 0.18 -12.21 -23.11
N SER A 207 0.55 -11.27 -22.24
CA SER A 207 1.79 -11.36 -21.49
C SER A 207 1.80 -12.57 -20.58
N ALA A 208 0.69 -12.79 -19.87
CA ALA A 208 0.59 -13.92 -18.96
C ALA A 208 0.74 -15.23 -19.72
N LYS A 209 0.03 -15.36 -20.85
CA LYS A 209 0.05 -16.62 -21.59
C LYS A 209 1.41 -16.87 -22.22
N ILE A 210 2.04 -15.83 -22.77
CA ILE A 210 3.36 -15.98 -23.38
C ILE A 210 4.40 -16.36 -22.34
N THR A 211 4.45 -15.65 -21.20
CA THR A 211 5.49 -15.93 -20.22
C THR A 211 5.30 -17.32 -19.60
N TRP A 212 4.05 -17.70 -19.32
CA TRP A 212 3.81 -19.02 -18.72
C TRP A 212 4.16 -20.13 -19.71
N LEU A 213 3.76 -19.95 -20.98
CA LEU A 213 4.21 -20.85 -22.03
C LEU A 213 5.73 -20.92 -22.11
N ALA A 214 6.40 -19.77 -22.00
CA ALA A 214 7.83 -19.72 -22.19
C ALA A 214 8.60 -20.49 -21.11
N THR A 215 7.97 -20.77 -19.97
CA THR A 215 8.66 -21.44 -18.87
C THR A 215 8.09 -22.81 -18.54
N THR A 216 6.97 -23.22 -19.16
CA THR A 216 6.33 -24.47 -18.78
C THR A 216 5.91 -25.38 -19.93
N LYS A 217 5.98 -24.93 -21.19
CA LYS A 217 5.37 -25.71 -22.27
C LYS A 217 6.08 -27.03 -22.50
N THR A 218 7.41 -27.05 -22.36
CA THR A 218 8.18 -28.25 -22.67
C THR A 218 9.23 -28.46 -21.60
N ASP A 219 9.80 -29.68 -21.58
CA ASP A 219 10.81 -30.00 -20.59
C ASP A 219 12.05 -29.13 -20.72
N THR A 220 12.41 -28.75 -21.96
CA THR A 220 13.60 -27.93 -22.17
C THR A 220 13.39 -26.50 -21.67
N LEU A 221 12.20 -25.93 -21.91
CA LEU A 221 11.90 -24.61 -21.38
C LEU A 221 11.92 -24.60 -19.86
N ARG A 222 11.43 -25.66 -19.22
CA ARG A 222 11.43 -25.72 -17.76
C ARG A 222 12.84 -25.85 -17.20
N LYS A 223 13.64 -26.76 -17.76
CA LYS A 223 15.02 -26.93 -17.29
C LYS A 223 15.83 -25.65 -17.46
N LEU A 224 15.84 -25.08 -18.67
CA LEU A 224 16.71 -23.94 -18.92
C LEU A 224 16.29 -22.71 -18.10
N SER A 225 14.98 -22.50 -17.91
CA SER A 225 14.55 -21.29 -17.23
C SER A 225 14.55 -21.41 -15.71
N GLY A 226 14.42 -22.62 -15.18
CA GLY A 226 14.20 -22.77 -13.76
C GLY A 226 15.00 -23.86 -13.09
N GLY A 227 15.69 -24.67 -13.90
CA GLY A 227 16.43 -25.80 -13.35
C GLY A 227 17.53 -25.40 -12.39
N LEU A 228 18.21 -24.28 -12.67
CA LEU A 228 19.27 -23.85 -11.76
C LEU A 228 18.71 -23.36 -10.44
N LEU A 229 17.48 -22.84 -10.46
CA LEU A 229 16.84 -22.43 -9.22
C LEU A 229 16.64 -23.62 -8.31
N LEU A 230 16.05 -24.69 -8.86
CA LEU A 230 15.90 -25.95 -8.11
C LEU A 230 17.25 -26.43 -7.60
N ASN A 231 18.25 -26.46 -8.48
CA ASN A 231 19.57 -26.99 -8.13
C ASN A 231 20.16 -26.23 -6.94
N ASP A 232 20.08 -24.90 -6.94
CA ASP A 232 20.68 -24.16 -5.83
C ASP A 232 19.84 -24.32 -4.56
N LEU A 233 18.52 -24.32 -4.69
CA LEU A 233 17.66 -24.54 -3.52
C LEU A 233 17.98 -25.86 -2.85
N PHE A 234 18.09 -26.93 -3.64
CA PHE A 234 18.38 -28.23 -3.02
C PHE A 234 19.79 -28.27 -2.44
N ASN A 235 20.76 -27.62 -3.09
CA ASN A 235 22.10 -27.52 -2.51
C ASN A 235 22.02 -26.93 -1.11
N ASP A 236 21.20 -25.89 -0.96
CA ASP A 236 21.01 -25.27 0.36
C ASP A 236 20.23 -26.17 1.29
N MET A 237 19.09 -26.71 0.82
CA MET A 237 18.29 -27.49 1.75
C MET A 237 18.96 -28.78 2.18
N ASP A 238 19.88 -29.33 1.37
CA ASP A 238 20.59 -30.51 1.84
C ASP A 238 21.38 -30.23 3.11
N GLN A 239 21.83 -28.99 3.30
CA GLN A 239 22.54 -28.65 4.53
C GLN A 239 21.57 -28.29 5.65
N ILE A 240 20.59 -27.43 5.36
CA ILE A 240 19.64 -27.01 6.40
C ILE A 240 18.97 -28.21 7.05
N THR A 241 18.54 -29.18 6.25
CA THR A 241 17.87 -30.36 6.77
C THR A 241 18.78 -31.26 7.61
N GLN A 242 20.08 -30.99 7.66
CA GLN A 242 20.99 -31.69 8.57
C GLN A 242 21.37 -30.86 9.79
N GLY A 243 20.66 -29.77 10.06
CA GLY A 243 21.05 -28.92 11.16
C GLY A 243 22.21 -28.01 10.88
N LYS A 244 22.65 -27.91 9.63
CA LYS A 244 23.81 -27.12 9.25
C LYS A 244 23.36 -25.80 8.64
N ALA A 245 24.31 -24.88 8.51
CA ALA A 245 24.01 -23.55 7.98
C ALA A 245 23.66 -23.61 6.51
N GLN A 246 22.79 -22.71 6.08
CA GLN A 246 22.63 -22.46 4.67
C GLN A 246 24.00 -22.18 4.06
N PRO A 247 24.36 -22.80 2.94
CA PRO A 247 25.66 -22.52 2.33
C PRO A 247 25.84 -21.03 2.05
N ASN A 248 27.00 -20.52 2.43
CA ASN A 248 27.45 -19.15 2.17
C ASN A 248 26.67 -18.09 2.93
N ALA A 249 25.68 -18.46 3.75
CA ALA A 249 24.95 -17.47 4.53
C ALA A 249 25.87 -16.71 5.48
N PRO A 250 25.94 -15.38 5.41
CA PRO A 250 26.84 -14.63 6.30
C PRO A 250 26.67 -14.95 7.77
N GLY A 251 25.44 -15.16 8.22
CA GLY A 251 25.21 -15.45 9.62
C GLY A 251 25.32 -16.91 10.03
N GLY A 252 25.74 -17.80 9.13
CA GLY A 252 25.89 -19.20 9.48
C GLY A 252 24.59 -19.78 9.97
N LYS A 253 24.68 -20.62 11.03
CA LYS A 253 23.50 -21.28 11.56
C LYS A 253 22.48 -20.30 12.14
N ASP A 254 22.88 -19.06 12.41
CA ASP A 254 21.97 -18.04 12.91
C ASP A 254 20.99 -17.54 11.86
N SER A 255 21.30 -17.72 10.58
CA SER A 255 20.52 -17.12 9.50
C SER A 255 19.31 -17.99 9.18
N LYS A 256 18.13 -17.48 9.49
CA LYS A 256 16.90 -18.25 9.38
C LYS A 256 16.00 -17.81 8.24
N LEU A 257 16.30 -16.67 7.60
CA LEU A 257 15.47 -16.16 6.52
C LEU A 257 16.38 -15.66 5.41
N ASN A 258 16.09 -16.09 4.17
CA ASN A 258 16.80 -15.65 2.97
C ASN A 258 15.79 -14.91 2.09
N VAL A 259 16.07 -13.66 1.75
CA VAL A 259 15.15 -12.84 0.98
C VAL A 259 15.86 -12.48 -0.32
N PHE A 260 15.30 -12.94 -1.45
CA PHE A 260 15.91 -12.80 -2.78
C PHE A 260 15.00 -11.89 -3.62
N THR A 261 15.46 -10.66 -3.87
CA THR A 261 14.66 -9.71 -4.64
C THR A 261 15.07 -9.79 -6.10
N VAL A 262 14.09 -9.96 -6.99
CA VAL A 262 14.33 -10.24 -8.41
C VAL A 262 13.39 -9.41 -9.28
N SER A 263 13.72 -9.40 -10.58
CA SER A 263 12.81 -8.95 -11.62
C SER A 263 11.74 -10.00 -11.87
N GLN A 264 10.65 -9.55 -12.51
CA GLN A 264 9.49 -10.41 -12.71
C GLN A 264 9.84 -11.76 -13.34
N PHE A 265 10.79 -11.77 -14.28
CA PHE A 265 11.03 -13.00 -15.04
C PHE A 265 11.48 -14.15 -14.13
N LEU A 266 12.17 -13.84 -13.03
CA LEU A 266 12.61 -14.90 -12.12
C LEU A 266 11.50 -15.38 -11.18
N VAL A 267 10.54 -14.52 -10.83
CA VAL A 267 9.34 -15.04 -10.15
C VAL A 267 8.62 -16.03 -11.05
N ILE A 268 8.37 -15.64 -12.30
CA ILE A 268 7.73 -16.53 -13.27
C ILE A 268 8.47 -17.85 -13.36
N SER A 269 9.79 -17.77 -13.53
CA SER A 269 10.60 -18.97 -13.69
C SER A 269 10.57 -19.85 -12.46
N GLN A 270 10.56 -19.22 -11.28
CA GLN A 270 10.51 -19.95 -10.01
C GLN A 270 9.15 -20.63 -9.80
N LEU A 271 8.07 -19.92 -10.13
CA LEU A 271 6.73 -20.52 -10.12
C LEU A 271 6.66 -21.72 -11.05
N ALA A 272 7.17 -21.56 -12.27
CA ALA A 272 7.17 -22.66 -13.23
C ALA A 272 7.94 -23.85 -12.68
N ALA A 273 9.08 -23.59 -12.05
CA ALA A 273 9.89 -24.67 -11.49
C ALA A 273 9.18 -25.38 -10.33
N PHE A 274 8.28 -24.70 -9.64
CA PHE A 274 7.51 -25.31 -8.56
C PHE A 274 6.18 -25.88 -9.03
N MET A 275 5.83 -25.78 -10.31
CA MET A 275 4.56 -26.32 -10.81
C MET A 275 4.76 -27.25 -11.99
N PRO A 276 5.44 -28.38 -11.78
CA PRO A 276 5.42 -29.43 -12.79
C PRO A 276 3.99 -29.92 -12.98
N GLU A 277 3.73 -30.51 -14.15
CA GLU A 277 2.37 -30.90 -14.53
C GLU A 277 1.69 -31.68 -13.41
N GLY A 278 0.42 -31.35 -13.14
CA GLY A 278 -0.31 -32.01 -12.08
C GLY A 278 -0.26 -31.28 -10.74
N SER A 279 0.49 -30.18 -10.65
CA SER A 279 0.53 -29.36 -9.44
C SER A 279 -0.75 -28.54 -9.33
N LYS A 280 -1.10 -28.17 -8.09
CA LYS A 280 -2.28 -27.39 -7.82
C LYS A 280 -1.91 -26.15 -7.03
N LEU A 281 -2.68 -25.08 -7.22
CA LEU A 281 -2.65 -23.88 -6.39
C LEU A 281 -4.00 -23.80 -5.68
N ASN A 282 -3.97 -23.85 -4.35
CA ASN A 282 -5.17 -24.02 -3.53
C ASN A 282 -6.12 -25.06 -4.13
N ASN A 283 -5.55 -26.21 -4.49
CA ASN A 283 -6.30 -27.41 -4.85
C ASN A 283 -7.07 -27.25 -6.15
N LYS A 284 -6.55 -26.42 -7.05
CA LYS A 284 -7.12 -26.25 -8.38
C LYS A 284 -5.98 -26.08 -9.38
N ALA A 285 -6.21 -26.54 -10.61
CA ALA A 285 -5.25 -26.27 -11.67
C ALA A 285 -5.13 -24.76 -11.85
N VAL A 286 -3.98 -24.31 -12.32
CA VAL A 286 -3.74 -22.88 -12.49
C VAL A 286 -3.91 -22.54 -13.96
N THR A 287 -4.35 -21.32 -14.20
CA THR A 287 -4.34 -20.72 -15.53
C THR A 287 -3.26 -19.65 -15.57
N ALA A 288 -2.74 -19.39 -16.77
CA ALA A 288 -1.69 -18.40 -16.92
C ALA A 288 -2.11 -17.05 -16.35
N SER A 289 -3.36 -16.65 -16.61
CA SER A 289 -3.80 -15.32 -16.19
C SER A 289 -3.82 -15.20 -14.67
N ASP A 290 -4.22 -16.26 -13.97
CA ASP A 290 -4.33 -16.17 -12.52
C ASP A 290 -2.96 -16.18 -11.84
N ILE A 291 -1.98 -16.89 -12.41
CA ILE A 291 -0.71 -17.07 -11.72
C ILE A 291 0.30 -15.96 -12.02
N TYR A 292 0.09 -15.18 -13.09
CA TYR A 292 0.97 -14.09 -13.53
C TYR A 292 1.38 -13.18 -12.37
N PRO A 293 2.67 -13.12 -12.01
CA PRO A 293 3.07 -12.44 -10.77
C PRO A 293 3.09 -10.94 -10.98
N GLU A 294 2.21 -10.26 -10.27
CA GLU A 294 2.05 -8.83 -10.42
C GLU A 294 3.01 -8.12 -9.48
N ASP A 295 2.94 -6.79 -9.43
CA ASP A 295 3.71 -6.05 -8.45
C ASP A 295 3.30 -6.50 -7.06
N GLY A 296 4.28 -6.72 -6.19
CA GLY A 296 4.02 -7.16 -4.84
C GLY A 296 3.99 -8.67 -4.67
N SER A 297 4.37 -9.41 -5.71
CA SER A 297 4.32 -10.86 -5.64
C SER A 297 5.54 -11.42 -4.92
N HIS A 298 5.34 -12.53 -4.23
CA HIS A 298 6.50 -13.25 -3.69
C HIS A 298 6.14 -14.71 -3.52
N VAL A 299 7.16 -15.55 -3.62
CA VAL A 299 7.06 -16.99 -3.37
C VAL A 299 7.79 -17.27 -2.07
N ASP A 300 7.14 -17.99 -1.14
CA ASP A 300 7.70 -18.30 0.16
C ASP A 300 7.87 -19.80 0.30
N ILE A 301 9.07 -20.23 0.65
CA ILE A 301 9.45 -21.64 0.76
C ILE A 301 9.69 -21.87 2.26
N GLU A 302 8.76 -22.54 2.92
CA GLU A 302 8.83 -22.74 4.36
C GLU A 302 9.31 -24.15 4.67
N MET A 303 10.35 -24.28 5.48
CA MET A 303 10.82 -25.59 5.90
C MET A 303 10.47 -25.89 7.34
N TYR A 304 9.82 -27.04 7.53
CA TYR A 304 9.29 -27.47 8.81
C TYR A 304 10.06 -28.69 9.29
N GLN A 305 10.16 -28.80 10.61
CA GLN A 305 10.81 -29.94 11.25
C GLN A 305 9.93 -30.34 12.41
N GLU A 306 9.39 -31.55 12.33
CA GLU A 306 8.64 -32.15 13.43
C GLU A 306 9.48 -33.33 13.90
N ASN A 307 10.06 -33.20 15.09
CA ASN A 307 11.05 -34.16 15.56
C ASN A 307 12.13 -34.33 14.51
N ASN A 308 12.23 -35.49 13.86
CA ASN A 308 13.25 -35.72 12.86
C ASN A 308 12.74 -35.58 11.42
N LYS A 309 11.47 -35.22 11.21
CA LYS A 309 10.86 -35.23 9.88
C LYS A 309 10.83 -33.81 9.32
N TRP A 310 11.55 -33.57 8.23
CA TRP A 310 11.57 -32.28 7.52
C TRP A 310 10.58 -32.32 6.35
N SER A 311 9.87 -31.22 6.16
CA SER A 311 8.97 -31.09 5.02
C SER A 311 9.06 -29.67 4.51
N VAL A 312 8.57 -29.45 3.30
CA VAL A 312 8.66 -28.16 2.64
C VAL A 312 7.26 -27.74 2.20
N LYS A 313 6.89 -26.50 2.51
CA LYS A 313 5.62 -25.93 2.09
C LYS A 313 5.90 -24.73 1.23
N LEU A 314 5.12 -24.59 0.14
CA LEU A 314 5.32 -23.52 -0.84
C LEU A 314 4.08 -22.64 -0.87
N VAL A 315 4.27 -21.35 -0.64
CA VAL A 315 3.16 -20.40 -0.56
C VAL A 315 3.44 -19.29 -1.55
N TYR A 316 2.43 -18.92 -2.34
CA TYR A 316 2.59 -17.96 -3.42
C TYR A 316 1.62 -16.80 -3.22
N VAL A 317 2.14 -15.58 -3.28
CA VAL A 317 1.34 -14.37 -3.24
C VAL A 317 1.52 -13.71 -4.60
N SER A 318 0.46 -13.66 -5.41
CA SER A 318 0.57 -13.25 -6.81
C SER A 318 0.59 -11.73 -6.98
N GLY A 319 0.47 -10.97 -5.92
CA GLY A 319 0.54 -9.53 -6.07
C GLY A 319 0.06 -8.84 -4.82
N LYS A 320 0.24 -7.51 -4.83
CA LYS A 320 -0.21 -6.67 -3.73
C LYS A 320 -1.65 -6.98 -3.34
N ASP A 321 -1.83 -7.23 -2.04
CA ASP A 321 -3.12 -7.44 -1.37
C ASP A 321 -3.76 -8.77 -1.73
N LYS A 322 -3.11 -9.61 -2.54
CA LYS A 322 -3.63 -10.92 -2.85
C LYS A 322 -3.39 -11.88 -1.69
N GLN A 323 -4.38 -12.74 -1.43
CA GLN A 323 -4.23 -13.71 -0.36
C GLN A 323 -3.22 -14.79 -0.75
N PRO A 324 -2.41 -15.26 0.19
CA PRO A 324 -1.49 -16.36 -0.10
C PRO A 324 -2.28 -17.58 -0.57
N GLN A 325 -1.66 -18.35 -1.46
CA GLN A 325 -2.20 -19.64 -1.90
C GLN A 325 -1.11 -20.68 -1.81
N THR A 326 -1.48 -21.90 -1.43
CA THR A 326 -0.51 -22.98 -1.23
C THR A 326 -0.40 -23.88 -2.45
N ILE A 327 0.84 -24.11 -2.88
CA ILE A 327 1.14 -25.00 -3.99
C ILE A 327 1.20 -26.41 -3.46
N THR A 328 0.58 -27.36 -4.16
CA THR A 328 0.73 -28.77 -3.83
C THR A 328 1.28 -29.51 -5.05
N LEU A 329 2.41 -30.18 -4.88
CA LEU A 329 3.01 -30.92 -5.98
C LEU A 329 2.20 -32.18 -6.27
N PRO A 330 2.37 -32.79 -7.45
CA PRO A 330 1.58 -34.00 -7.76
C PRO A 330 2.00 -35.13 -6.84
N GLY A 331 1.03 -35.65 -6.09
CA GLY A 331 1.26 -36.77 -5.21
C GLY A 331 1.73 -36.43 -3.81
N CYS A 332 1.83 -35.15 -3.47
CA CYS A 332 2.35 -34.76 -2.16
C CYS A 332 1.37 -33.84 -1.45
N GLN A 333 1.53 -33.74 -0.14
CA GLN A 333 0.72 -32.88 0.72
C GLN A 333 1.24 -31.44 0.73
N GLU A 334 0.51 -30.57 1.43
CA GLU A 334 0.93 -29.17 1.53
C GLU A 334 2.29 -29.06 2.20
N LYS A 335 2.52 -29.82 3.27
CA LYS A 335 3.85 -29.94 3.86
C LYS A 335 4.42 -31.24 3.30
N CYS A 336 5.26 -31.12 2.27
CA CYS A 336 5.74 -32.29 1.52
C CYS A 336 7.06 -32.79 2.12
N PRO A 337 7.13 -34.02 2.62
CA PRO A 337 8.39 -34.48 3.22
C PRO A 337 9.57 -34.26 2.29
N TYR A 338 10.70 -33.87 2.87
CA TYR A 338 11.78 -33.29 2.07
C TYR A 338 12.22 -34.19 0.92
N GLU A 339 12.45 -35.48 1.19
CA GLU A 339 12.98 -36.34 0.14
C GLU A 339 11.97 -36.55 -0.97
N GLN A 340 10.68 -36.55 -0.63
CA GLN A 340 9.67 -36.70 -1.65
C GLN A 340 9.56 -35.44 -2.48
N PHE A 341 9.66 -34.28 -1.81
CA PHE A 341 9.65 -32.96 -2.47
C PHE A 341 10.81 -32.83 -3.44
N LYS A 342 12.01 -33.17 -2.99
CA LYS A 342 13.17 -33.09 -3.88
C LYS A 342 13.01 -34.06 -5.06
N SER A 343 12.53 -35.29 -4.79
CA SER A 343 12.29 -36.26 -5.86
C SER A 343 11.23 -35.77 -6.85
N ALA A 344 10.12 -35.25 -6.34
CA ALA A 344 9.10 -34.64 -7.22
C ALA A 344 9.66 -33.56 -8.14
N LEU A 345 10.76 -32.91 -7.77
CA LEU A 345 11.30 -31.80 -8.56
C LEU A 345 12.62 -32.14 -9.26
N GLN A 346 12.97 -33.42 -9.36
CA GLN A 346 14.25 -33.75 -9.98
C GLN A 346 14.21 -33.58 -11.50
N LYS A 347 13.06 -33.79 -12.14
CA LYS A 347 13.03 -33.95 -13.59
C LYS A 347 13.64 -32.75 -14.31
N TYR A 348 13.35 -31.54 -13.84
CA TYR A 348 13.74 -30.31 -14.51
C TYR A 348 14.84 -29.57 -13.76
N LYS A 349 15.42 -30.18 -12.73
CA LYS A 349 16.61 -29.65 -12.10
C LYS A 349 17.83 -29.89 -12.99
N ILE A 350 18.81 -28.97 -12.89
CA ILE A 350 20.00 -29.03 -13.73
C ILE A 350 21.14 -28.35 -12.99
N THR A 351 22.35 -28.86 -13.16
CA THR A 351 23.50 -28.17 -12.55
C THR A 351 24.05 -27.12 -13.50
N ASP A 352 24.92 -26.26 -12.95
CA ASP A 352 25.52 -25.17 -13.73
C ASP A 352 26.31 -25.71 -14.91
N GLU A 353 27.14 -26.74 -14.68
CA GLU A 353 27.91 -27.28 -15.79
C GLU A 353 26.98 -27.81 -16.88
N GLU A 354 25.91 -28.51 -16.47
CA GLU A 354 24.95 -29.07 -17.42
C GLU A 354 24.22 -27.97 -18.17
N HIS A 355 23.88 -26.89 -17.46
CA HIS A 355 23.09 -25.80 -18.03
C HIS A 355 23.88 -25.04 -19.10
N GLN A 356 25.17 -24.79 -18.86
CA GLN A 356 25.96 -24.15 -19.90
C GLN A 356 26.04 -25.01 -21.15
N LYS A 357 26.21 -26.34 -20.98
CA LYS A 357 26.22 -27.22 -22.14
C LYS A 357 24.84 -27.25 -22.81
N ALA A 358 23.77 -27.38 -22.02
CA ALA A 358 22.42 -27.42 -22.56
C ALA A 358 22.03 -26.11 -23.25
N CYS A 359 22.63 -24.99 -22.83
CA CYS A 359 22.31 -23.73 -23.49
C CYS A 359 22.88 -23.68 -24.90
N LYS A 360 23.97 -24.41 -25.16
CA LYS A 360 24.79 -24.22 -26.36
C LYS A 360 24.84 -25.42 -27.31
N ASN A 361 24.58 -26.63 -26.84
CA ASN A 361 24.76 -27.86 -27.64
C ASN A 361 23.86 -27.98 -28.86
N ASP B 7 -11.66 -4.49 -10.33
CA ASP B 7 -12.39 -4.91 -9.14
C ASP B 7 -12.82 -3.72 -8.26
N LEU B 8 -12.17 -2.57 -8.41
CA LEU B 8 -12.53 -1.40 -7.61
C LEU B 8 -13.88 -0.86 -8.06
N LYS B 9 -14.84 -0.81 -7.13
CA LYS B 9 -16.19 -0.36 -7.46
C LYS B 9 -16.56 0.97 -6.81
N PHE B 10 -15.99 1.33 -5.66
CA PHE B 10 -16.43 2.54 -4.96
C PHE B 10 -15.34 2.98 -3.99
N VAL B 11 -15.13 4.30 -3.86
CA VAL B 11 -14.15 4.81 -2.91
C VAL B 11 -14.78 5.94 -2.10
N PHE B 12 -14.61 5.86 -0.77
CA PHE B 12 -14.83 7.00 0.13
C PHE B 12 -13.48 7.63 0.43
N VAL B 13 -13.42 8.97 0.46
CA VAL B 13 -12.23 9.68 0.89
C VAL B 13 -12.65 10.68 1.96
N MET B 14 -11.93 10.73 3.08
CA MET B 14 -12.13 11.85 4.00
C MET B 14 -10.79 12.57 4.09
N ALA B 15 -10.79 13.86 3.79
CA ALA B 15 -9.55 14.60 3.62
C ALA B 15 -9.56 15.82 4.54
N ARG B 16 -8.41 16.11 5.14
CA ARG B 16 -8.27 17.36 5.86
C ARG B 16 -8.31 18.53 4.86
N GLY B 17 -9.10 19.56 5.18
CA GLY B 17 -9.23 20.69 4.27
C GLY B 17 -7.92 21.43 4.06
N GLY B 18 -7.84 22.10 2.91
CA GLY B 18 -6.65 22.86 2.57
C GLY B 18 -6.42 24.06 3.49
N ASP B 19 -5.18 24.56 3.45
CA ASP B 19 -4.75 25.66 4.30
C ASP B 19 -5.71 26.84 4.18
N PHE B 20 -6.03 27.45 5.32
CA PHE B 20 -6.90 28.62 5.32
C PHE B 20 -6.27 29.70 6.18
N VAL B 21 -6.77 30.94 6.02
CA VAL B 21 -6.21 32.07 6.73
C VAL B 21 -6.23 31.81 8.24
N ALA B 22 -5.08 31.96 8.88
CA ALA B 22 -4.94 31.65 10.31
C ALA B 22 -6.06 32.28 11.12
N GLY B 23 -6.73 31.45 11.92
CA GLY B 23 -7.83 31.92 12.74
C GLY B 23 -7.95 31.01 13.94
N ASP B 24 -8.71 31.47 14.92
CA ASP B 24 -8.89 30.72 16.15
C ASP B 24 -9.99 29.67 16.00
N TYR B 25 -9.80 28.53 16.64
CA TYR B 25 -10.78 27.47 16.66
C TYR B 25 -11.90 27.79 17.65
N ALA B 26 -13.13 27.48 17.26
CA ALA B 26 -14.20 27.46 18.24
C ALA B 26 -13.88 26.39 19.28
N GLY B 27 -13.81 26.77 20.55
CA GLY B 27 -13.31 25.88 21.58
C GLY B 27 -11.81 25.93 21.76
N GLY B 28 -11.10 26.72 20.95
CA GLY B 28 -9.69 26.92 21.12
C GLY B 28 -9.38 28.23 21.80
N PRO B 29 -8.12 28.47 22.11
CA PRO B 29 -7.75 29.72 22.78
C PRO B 29 -7.68 30.89 21.80
N LYS B 30 -7.95 32.07 22.34
CA LYS B 30 -7.82 33.32 21.57
C LYS B 30 -6.33 33.60 21.34
N ILE B 31 -5.87 33.41 20.11
CA ILE B 31 -4.50 33.72 19.72
C ILE B 31 -4.49 34.76 18.60
N ILE B 32 -5.20 34.48 17.50
CA ILE B 32 -5.32 35.38 16.37
C ILE B 32 -6.28 36.53 16.71
N ASN B 33 -7.28 36.28 17.55
CA ASN B 33 -8.38 37.21 17.81
C ASN B 33 -9.30 37.36 16.61
N LYS B 34 -9.32 36.36 15.74
CA LYS B 34 -10.27 36.28 14.63
C LYS B 34 -10.65 34.82 14.55
N GLU B 35 -11.90 34.51 14.23
CA GLU B 35 -12.35 33.13 14.28
C GLU B 35 -12.16 32.45 12.93
N ALA B 36 -11.68 31.20 12.97
CA ALA B 36 -11.47 30.50 11.72
C ALA B 36 -12.76 30.32 10.94
N LYS B 37 -13.93 30.43 11.60
CA LYS B 37 -15.21 30.37 10.89
C LYS B 37 -15.24 31.31 9.70
N ASP B 38 -14.58 32.46 9.81
CA ASP B 38 -14.60 33.49 8.79
C ASP B 38 -13.45 33.36 7.79
N SER B 39 -12.62 32.32 7.91
CA SER B 39 -11.40 32.24 7.11
C SER B 39 -11.70 31.73 5.71
N GLU B 40 -11.13 32.41 4.71
CA GLU B 40 -11.06 31.87 3.37
C GLU B 40 -9.85 30.93 3.25
N LEU B 41 -9.85 30.13 2.19
CA LEU B 41 -8.66 29.36 1.89
C LEU B 41 -7.56 30.29 1.41
N THR B 42 -6.34 30.06 1.88
CA THR B 42 -5.21 30.74 1.26
C THR B 42 -5.01 30.23 -0.16
N GLU B 43 -4.13 30.93 -0.89
CA GLU B 43 -3.77 30.41 -2.21
C GLU B 43 -3.16 29.01 -2.11
N GLN B 44 -2.27 28.80 -1.13
CA GLN B 44 -1.69 27.46 -0.95
C GLN B 44 -2.77 26.43 -0.67
N GLY B 45 -3.79 26.79 0.09
CA GLY B 45 -4.87 25.85 0.36
C GLY B 45 -5.65 25.46 -0.88
N LYS B 46 -5.91 26.42 -1.78
CA LYS B 46 -6.52 26.07 -3.06
C LYS B 46 -5.61 25.21 -3.90
N GLN B 47 -4.30 25.48 -3.89
CA GLN B 47 -3.35 24.62 -4.59
C GLN B 47 -3.43 23.21 -4.03
N GLU B 48 -3.47 23.08 -2.71
CA GLU B 48 -3.54 21.75 -2.09
C GLU B 48 -4.84 21.05 -2.43
N ALA B 49 -5.97 21.74 -2.28
CA ALA B 49 -7.24 21.09 -2.57
C ALA B 49 -7.32 20.65 -4.03
N PHE B 50 -6.80 21.48 -4.94
CA PHE B 50 -6.84 21.11 -6.36
C PHE B 50 -5.94 19.91 -6.63
N GLN B 51 -4.75 19.90 -6.03
CA GLN B 51 -3.84 18.78 -6.23
C GLN B 51 -4.43 17.47 -5.71
N LEU B 52 -5.11 17.53 -4.56
CA LEU B 52 -5.79 16.32 -4.07
C LEU B 52 -6.75 15.77 -5.13
N GLY B 53 -7.50 16.66 -5.78
CA GLY B 53 -8.42 16.22 -6.83
C GLY B 53 -7.70 15.57 -8.01
N THR B 54 -6.62 16.19 -8.48
CA THR B 54 -5.87 15.55 -9.57
C THR B 54 -5.24 14.22 -9.12
N LYS B 55 -4.83 14.13 -7.85
CA LYS B 55 -4.23 12.90 -7.35
C LYS B 55 -5.28 11.80 -7.24
N LEU B 56 -6.46 12.16 -6.73
CA LEU B 56 -7.51 11.16 -6.59
C LEU B 56 -7.99 10.67 -7.94
N SER B 57 -8.07 11.58 -8.92
CA SER B 57 -8.42 11.17 -10.28
C SER B 57 -7.39 10.19 -10.83
N GLY B 58 -6.10 10.47 -10.61
CA GLY B 58 -5.07 9.59 -11.11
C GLY B 58 -5.08 8.23 -10.43
N LEU B 59 -5.48 8.19 -9.16
CA LEU B 59 -5.54 6.93 -8.42
C LEU B 59 -6.68 6.07 -8.89
N TYR B 60 -7.84 6.68 -9.18
CA TYR B 60 -9.10 5.96 -9.16
C TYR B 60 -9.96 6.09 -10.40
N LYS B 61 -9.74 7.08 -11.28
CA LYS B 61 -10.69 7.30 -12.37
C LYS B 61 -10.84 6.05 -13.24
N THR B 62 -9.72 5.54 -13.77
CA THR B 62 -9.82 4.40 -14.66
C THR B 62 -10.24 3.13 -13.92
N LYS B 63 -9.75 2.95 -12.68
CA LYS B 63 -10.11 1.75 -11.93
C LYS B 63 -11.61 1.71 -11.65
N LEU B 64 -12.21 2.86 -11.39
CA LEU B 64 -13.64 2.93 -11.12
C LEU B 64 -14.48 2.90 -12.39
N GLY B 65 -13.87 2.98 -13.57
CA GLY B 65 -14.62 2.98 -14.82
C GLY B 65 -15.33 4.28 -15.12
N VAL B 66 -14.93 5.37 -14.46
CA VAL B 66 -15.56 6.67 -14.71
C VAL B 66 -15.02 7.26 -16.01
N SER B 67 -15.94 7.60 -16.92
CA SER B 67 -15.54 8.26 -18.15
C SER B 67 -15.35 9.76 -17.96
N LYS B 68 -16.13 10.39 -17.08
CA LYS B 68 -16.02 11.82 -16.88
C LYS B 68 -16.42 12.14 -15.45
N TRP B 69 -15.54 12.84 -14.75
CA TRP B 69 -15.87 13.30 -13.41
C TRP B 69 -16.88 14.43 -13.49
N ASP B 70 -18.04 14.26 -12.87
CA ASP B 70 -19.07 15.30 -12.91
C ASP B 70 -20.07 15.06 -11.77
N SER B 71 -21.20 15.77 -11.83
CA SER B 71 -22.18 15.71 -10.74
C SER B 71 -22.78 14.33 -10.56
N LYS B 72 -22.67 13.46 -11.56
CA LYS B 72 -23.21 12.10 -11.44
C LYS B 72 -22.20 11.10 -10.91
N THR B 73 -20.90 11.36 -11.08
CA THR B 73 -19.89 10.34 -10.82
C THR B 73 -19.11 10.54 -9.52
N TYR B 74 -19.10 11.74 -8.94
CA TYR B 74 -18.48 11.93 -7.64
C TYR B 74 -19.35 12.87 -6.82
N TRP B 75 -19.25 12.72 -5.50
CA TRP B 75 -20.13 13.41 -4.54
C TRP B 75 -19.25 14.15 -3.56
N PRO B 76 -19.04 15.46 -3.76
CA PRO B 76 -18.19 16.22 -2.83
C PRO B 76 -19.00 16.80 -1.66
N VAL B 77 -18.61 16.45 -0.44
CA VAL B 77 -19.29 16.91 0.75
C VAL B 77 -18.25 17.48 1.70
N ALA B 78 -18.72 18.18 2.74
CA ALA B 78 -17.86 18.88 3.68
C ALA B 78 -18.63 19.15 4.96
N ILE B 79 -17.89 19.30 6.07
CA ILE B 79 -18.53 19.87 7.25
C ILE B 79 -18.93 21.31 6.94
N SER B 80 -19.78 21.86 7.81
CA SER B 80 -20.46 23.13 7.54
C SER B 80 -19.60 24.31 8.00
N GLN B 81 -18.39 24.34 7.44
CA GLN B 81 -17.52 25.51 7.55
C GLN B 81 -17.11 25.93 6.14
N LYS B 82 -17.08 27.24 5.89
CA LYS B 82 -16.80 27.71 4.54
C LYS B 82 -15.46 27.18 4.03
N ARG B 83 -14.44 27.15 4.88
CA ARG B 83 -13.11 26.75 4.41
C ARG B 83 -13.12 25.31 3.91
N ALA B 84 -13.90 24.45 4.56
CA ALA B 84 -14.00 23.05 4.18
C ALA B 84 -14.88 22.86 2.95
N GLN B 85 -15.96 23.63 2.85
CA GLN B 85 -16.81 23.56 1.66
C GLN B 85 -16.05 24.03 0.42
N VAL B 86 -15.36 25.19 0.50
CA VAL B 86 -14.59 25.64 -0.66
C VAL B 86 -13.56 24.60 -1.05
N SER B 87 -12.89 23.99 -0.06
CA SER B 87 -11.87 22.99 -0.33
C SER B 87 -12.48 21.78 -1.04
N THR B 88 -13.63 21.31 -0.55
CA THR B 88 -14.19 20.11 -1.17
C THR B 88 -14.61 20.41 -2.62
N LEU B 89 -15.06 21.63 -2.89
CA LEU B 89 -15.45 22.00 -4.24
C LEU B 89 -14.24 22.17 -5.16
N ILE B 90 -13.16 22.74 -4.63
CA ILE B 90 -11.93 22.85 -5.41
C ILE B 90 -11.34 21.47 -5.67
N THR B 91 -11.47 20.54 -4.71
CA THR B 91 -11.03 19.17 -4.96
C THR B 91 -11.84 18.54 -6.11
N GLY B 92 -13.15 18.79 -6.14
CA GLY B 92 -13.94 18.44 -7.30
C GLY B 92 -13.42 19.05 -8.60
N ALA B 93 -13.01 20.32 -8.55
CA ALA B 93 -12.45 20.94 -9.76
C ALA B 93 -11.18 20.21 -10.17
N GLY B 94 -10.38 19.77 -9.20
CA GLY B 94 -9.19 18.98 -9.50
C GLY B 94 -9.52 17.65 -10.17
N LEU B 95 -10.49 16.92 -9.62
CA LEU B 95 -10.97 15.71 -10.28
C LEU B 95 -11.24 15.96 -11.76
N GLU B 96 -12.01 17.01 -12.06
CA GLU B 96 -12.40 17.37 -13.41
C GLU B 96 -11.27 18.00 -14.21
N GLY B 97 -10.16 18.36 -13.55
CA GLY B 97 -9.05 18.99 -14.23
C GLY B 97 -9.35 20.37 -14.75
N ASP B 98 -10.16 21.13 -14.03
CA ASP B 98 -10.75 22.38 -14.53
C ASP B 98 -10.09 23.55 -13.78
N GLN B 99 -9.05 24.10 -14.39
CA GLN B 99 -8.29 25.18 -13.77
C GLN B 99 -9.18 26.39 -13.49
N SER B 100 -10.12 26.69 -14.39
CA SER B 100 -10.96 27.89 -14.22
C SER B 100 -11.85 27.78 -12.98
N LYS B 101 -12.28 26.57 -12.61
CA LYS B 101 -13.09 26.41 -11.41
C LYS B 101 -12.27 26.49 -10.14
N ARG B 102 -10.95 26.27 -10.22
CA ARG B 102 -10.13 26.24 -9.01
C ARG B 102 -10.21 27.55 -8.24
N ASP B 103 -10.26 28.68 -8.95
CA ASP B 103 -10.33 29.99 -8.32
C ASP B 103 -11.74 30.57 -8.34
N LYS B 104 -12.74 29.75 -8.63
CA LYS B 104 -14.11 30.22 -8.73
C LYS B 104 -14.55 30.80 -7.39
N THR B 105 -15.27 31.91 -7.45
CA THR B 105 -15.95 32.37 -6.24
C THR B 105 -17.21 31.54 -6.11
N TRP B 106 -17.13 30.48 -5.31
CA TRP B 106 -18.27 29.60 -5.14
C TRP B 106 -19.40 30.34 -4.45
N THR B 107 -20.62 30.12 -4.92
CA THR B 107 -21.78 30.83 -4.39
C THR B 107 -22.22 30.21 -3.08
N ASP B 108 -23.00 30.97 -2.30
CA ASP B 108 -23.56 30.41 -1.08
C ASP B 108 -24.34 29.13 -1.38
N GLN B 109 -25.09 29.12 -2.48
CA GLN B 109 -25.85 27.92 -2.84
C GLN B 109 -24.92 26.74 -3.10
N GLU B 110 -23.85 26.95 -3.88
CA GLU B 110 -22.93 25.85 -4.18
C GLU B 110 -22.21 25.36 -2.93
N LEU B 111 -21.82 26.28 -2.04
CA LEU B 111 -21.12 25.88 -0.81
C LEU B 111 -22.03 25.11 0.11
N LYS B 112 -23.31 25.48 0.17
CA LYS B 112 -24.25 24.81 1.07
C LYS B 112 -24.60 23.41 0.58
N ALA B 113 -24.54 23.21 -0.74
CA ALA B 113 -24.89 21.93 -1.37
C ALA B 113 -23.76 20.91 -1.29
N THR B 114 -23.13 20.83 -0.12
CA THR B 114 -22.07 19.87 0.16
C THR B 114 -22.37 19.08 1.43
N SER B 115 -23.64 18.93 1.76
CA SER B 115 -24.02 18.28 3.01
C SER B 115 -24.50 16.86 2.76
N PHE B 116 -24.59 16.10 3.85
CA PHE B 116 -25.28 14.82 3.86
C PHE B 116 -25.94 14.67 5.23
N PRO B 117 -26.93 13.77 5.36
CA PRO B 117 -27.77 13.78 6.58
C PRO B 117 -27.04 13.60 7.90
N ALA B 118 -26.12 12.65 8.02
CA ALA B 118 -25.45 12.36 9.27
C ALA B 118 -24.33 13.35 9.61
N MET B 119 -24.06 14.32 8.72
CA MET B 119 -22.84 15.12 8.84
C MET B 119 -22.77 15.87 10.17
N GLU B 120 -23.84 16.56 10.57
CA GLU B 120 -23.72 17.33 11.80
C GLU B 120 -23.55 16.44 13.02
N SER B 121 -24.12 15.22 12.99
CA SER B 121 -24.00 14.35 14.16
C SER B 121 -22.56 14.01 14.46
N PHE B 122 -21.69 14.01 13.45
CA PHE B 122 -20.29 13.65 13.65
C PHE B 122 -19.57 14.65 14.55
N SER B 123 -20.10 15.87 14.68
CA SER B 123 -19.51 16.86 15.57
C SER B 123 -20.14 16.88 16.95
N ARG B 124 -21.18 16.08 17.19
CA ARG B 124 -21.92 16.15 18.45
C ARG B 124 -21.01 15.99 19.65
N PHE B 125 -20.03 15.08 19.57
CA PHE B 125 -19.26 14.74 20.76
C PHE B 125 -18.35 15.87 21.24
N ILE B 126 -18.05 16.86 20.40
CA ILE B 126 -17.26 18.01 20.81
C ILE B 126 -18.08 19.29 20.92
N LYS B 127 -19.39 19.23 20.72
CA LYS B 127 -20.21 20.43 20.77
C LYS B 127 -20.51 20.76 22.22
N PRO B 128 -20.19 21.98 22.68
CA PRO B 128 -20.37 22.31 24.10
C PRO B 128 -21.79 22.04 24.59
N SER B 129 -21.87 21.36 25.74
CA SER B 129 -23.08 20.99 26.47
C SER B 129 -23.79 19.77 25.88
N GLU B 130 -23.48 19.41 24.62
CA GLU B 130 -24.28 18.42 23.90
C GLU B 130 -23.87 16.98 24.20
N CYS B 131 -22.70 16.77 24.77
CA CYS B 131 -22.21 15.42 25.02
C CYS B 131 -21.36 15.41 26.28
N PRO B 132 -21.96 15.69 27.44
CA PRO B 132 -21.18 15.77 28.68
C PRO B 132 -20.47 14.47 29.04
N ASN B 133 -20.97 13.32 28.58
CA ASN B 133 -20.34 12.07 28.97
C ASN B 133 -19.02 11.86 28.24
N TYR B 134 -18.86 12.44 27.05
CA TYR B 134 -17.55 12.39 26.40
C TYR B 134 -16.52 13.15 27.22
N LEU B 135 -16.85 14.37 27.65
CA LEU B 135 -15.90 15.18 28.41
C LEU B 135 -15.61 14.57 29.78
N LYS B 136 -16.64 14.05 30.46
CA LYS B 136 -16.42 13.31 31.69
C LYS B 136 -15.41 12.19 31.48
N GLU B 137 -15.60 11.44 30.39
CA GLU B 137 -14.74 10.28 30.15
C GLU B 137 -13.32 10.72 29.80
N LEU B 138 -13.18 11.84 29.08
CA LEU B 138 -11.84 12.36 28.80
C LEU B 138 -11.15 12.86 30.07
N LEU B 139 -11.86 13.67 30.87
CA LEU B 139 -11.29 14.13 32.12
C LEU B 139 -10.95 12.97 33.07
N ALA B 140 -11.62 11.83 32.94
CA ALA B 140 -11.27 10.65 33.73
C ALA B 140 -9.86 10.17 33.45
N GLN B 141 -9.29 10.51 32.29
CA GLN B 141 -7.93 10.07 31.95
C GLN B 141 -6.87 11.06 32.42
N GLN B 142 -7.18 11.85 33.47
CA GLN B 142 -6.30 12.94 33.88
C GLN B 142 -4.91 12.44 34.25
N GLY B 143 -4.84 11.24 34.84
CA GLY B 143 -3.53 10.67 35.16
C GLY B 143 -2.61 10.68 33.95
N GLU B 144 -3.09 10.16 32.83
CA GLU B 144 -2.26 10.10 31.63
C GLU B 144 -2.07 11.49 31.02
N ILE B 145 -3.13 12.29 31.01
CA ILE B 145 -3.05 13.64 30.47
C ILE B 145 -1.95 14.43 31.18
N THR B 146 -1.93 14.38 32.51
CA THR B 146 -0.91 15.11 33.26
C THR B 146 0.49 14.63 32.87
N THR B 147 0.66 13.31 32.67
CA THR B 147 1.97 12.78 32.30
C THR B 147 2.40 13.30 30.92
N ILE B 148 1.48 13.30 29.96
CA ILE B 148 1.79 13.82 28.63
C ILE B 148 2.18 15.29 28.70
N VAL B 149 1.40 16.07 29.46
CA VAL B 149 1.55 17.52 29.45
C VAL B 149 2.83 17.98 30.16
N LYS B 150 3.28 17.24 31.17
CA LYS B 150 4.54 17.57 31.83
C LYS B 150 5.67 17.69 30.82
N GLU B 151 5.58 16.95 29.71
CA GLU B 151 6.66 16.95 28.74
C GLU B 151 6.65 18.20 27.86
N CYS B 152 5.55 18.94 27.79
CA CYS B 152 5.54 20.19 27.04
C CYS B 152 5.16 21.39 27.90
N ILE B 153 5.11 21.24 29.22
CA ILE B 153 4.55 22.29 30.06
C ILE B 153 5.39 23.55 29.96
N SER B 154 6.71 23.42 29.79
CA SER B 154 7.56 24.59 29.63
C SER B 154 7.22 25.34 28.34
N SER B 155 7.01 24.61 27.25
CA SER B 155 6.62 25.25 25.99
C SER B 155 5.26 25.91 26.10
N VAL B 156 4.31 25.22 26.73
CA VAL B 156 2.98 25.78 26.95
C VAL B 156 3.08 27.08 27.74
N GLN B 157 3.97 27.12 28.74
CA GLN B 157 4.15 28.33 29.54
C GLN B 157 4.68 29.48 28.69
N GLN B 158 5.65 29.21 27.81
CA GLN B 158 6.11 30.25 26.89
C GLN B 158 4.96 30.74 26.02
N VAL B 159 4.11 29.81 25.55
CA VAL B 159 2.96 30.17 24.74
C VAL B 159 2.01 31.07 25.51
N LYS B 160 1.69 30.68 26.76
CA LYS B 160 0.74 31.46 27.56
C LYS B 160 1.29 32.82 27.94
N SER B 161 2.62 32.96 28.04
CA SER B 161 3.19 34.27 28.29
C SER B 161 3.01 35.21 27.10
N LYS B 162 2.97 34.66 25.88
CA LYS B 162 2.66 35.42 24.68
C LYS B 162 1.15 35.56 24.48
N TYR B 163 0.37 34.53 24.82
CA TYR B 163 -1.08 34.51 24.62
C TYR B 163 -1.78 34.05 25.89
N PRO B 164 -2.17 34.97 26.76
CA PRO B 164 -2.69 34.58 28.09
C PRO B 164 -4.00 33.80 28.05
N ALA B 165 -4.68 33.73 26.92
CA ALA B 165 -5.90 32.93 26.87
C ALA B 165 -5.64 31.42 26.82
N VAL B 166 -4.40 31.00 26.56
CA VAL B 166 -4.08 29.58 26.42
C VAL B 166 -4.10 28.93 27.79
N ASP B 167 -5.09 28.10 28.05
CA ASP B 167 -5.31 27.54 29.38
C ASP B 167 -4.83 26.08 29.38
N GLU B 168 -3.68 25.84 30.02
CA GLU B 168 -3.05 24.51 30.04
C GLU B 168 -3.90 23.45 30.71
N LYS B 169 -4.93 23.85 31.45
CA LYS B 169 -5.80 22.91 32.14
C LYS B 169 -6.88 22.32 31.24
N MET B 170 -7.21 23.00 30.15
CA MET B 170 -8.07 22.44 29.10
C MET B 170 -7.21 21.69 28.10
N PRO B 171 -7.27 20.36 28.05
CA PRO B 171 -6.33 19.62 27.18
C PRO B 171 -6.48 20.01 25.72
N GLN B 172 -7.70 20.33 25.27
CA GLN B 172 -7.89 20.76 23.90
C GLN B 172 -7.18 22.08 23.61
N HIS B 173 -6.96 22.93 24.62
CA HIS B 173 -6.24 24.17 24.34
C HIS B 173 -4.79 23.94 23.90
N ILE B 174 -4.14 22.90 24.43
CA ILE B 174 -2.74 22.65 24.04
C ILE B 174 -2.68 22.21 22.59
N TRP B 175 -3.53 21.26 22.22
CA TRP B 175 -3.63 20.82 20.84
C TRP B 175 -4.00 21.97 19.92
N LEU B 176 -5.10 22.67 20.23
CA LEU B 176 -5.60 23.69 19.32
C LEU B 176 -4.67 24.91 19.27
N ALA B 177 -4.01 25.24 20.38
CA ALA B 177 -3.00 26.29 20.31
C ALA B 177 -1.87 25.87 19.38
N TYR B 178 -1.46 24.60 19.43
CA TYR B 178 -0.40 24.18 18.52
C TYR B 178 -0.82 24.34 17.07
N GLU B 179 -2.03 23.90 16.73
CA GLU B 179 -2.44 23.96 15.33
C GLU B 179 -2.63 25.41 14.88
N THR B 180 -3.18 26.25 15.75
CA THR B 180 -3.25 27.68 15.47
C THR B 180 -1.86 28.26 15.25
N LEU B 181 -0.93 28.01 16.18
CA LEU B 181 0.41 28.56 16.07
C LEU B 181 1.10 28.06 14.79
N LYS B 182 0.82 26.81 14.39
CA LYS B 182 1.43 26.30 13.17
C LYS B 182 1.02 27.15 11.96
N LYS B 183 -0.25 27.54 11.88
CA LYS B 183 -0.67 28.36 10.73
C LYS B 183 -0.12 29.77 10.85
N LEU B 184 -0.14 30.31 12.06
CA LEU B 184 0.47 31.62 12.31
C LEU B 184 1.94 31.66 11.91
N LYS B 185 2.70 30.63 12.25
CA LYS B 185 4.12 30.59 11.91
C LYS B 185 4.31 30.53 10.39
N ARG B 186 3.48 29.74 9.71
CA ARG B 186 3.55 29.62 8.26
C ARG B 186 3.26 30.96 7.60
N GLN B 187 2.19 31.61 8.02
CA GLN B 187 1.70 32.77 7.30
C GLN B 187 2.37 34.07 7.72
N GLN B 188 2.87 34.16 8.96
CA GLN B 188 3.58 35.36 9.43
C GLN B 188 4.88 34.96 10.12
N PRO B 189 5.81 34.34 9.38
CA PRO B 189 7.05 33.86 10.03
C PRO B 189 7.87 34.98 10.64
N SER B 190 7.73 36.19 10.10
CA SER B 190 8.39 37.38 10.62
C SER B 190 8.35 37.48 12.14
N SER B 191 7.14 37.58 12.71
CA SER B 191 6.97 37.77 14.14
C SER B 191 6.93 36.47 14.93
N SER B 192 7.07 35.33 14.26
CA SER B 192 6.91 34.02 14.89
C SER B 192 8.24 33.37 15.22
N THR B 193 9.31 34.14 15.42
CA THR B 193 10.62 33.52 15.62
C THR B 193 10.73 32.88 17.00
N TRP B 194 9.93 33.31 17.97
CA TRP B 194 9.90 32.63 19.27
C TRP B 194 9.35 31.21 19.14
N MET B 195 8.51 30.97 18.13
CA MET B 195 7.99 29.65 17.77
C MET B 195 9.14 28.78 17.27
N THR B 196 10.02 28.34 18.17
CA THR B 196 11.22 27.66 17.66
C THR B 196 10.85 26.29 17.12
N ASP B 197 11.78 25.72 16.37
CA ASP B 197 11.57 24.37 15.85
C ASP B 197 11.42 23.38 16.99
N ASP B 198 12.22 23.56 18.05
CA ASP B 198 12.17 22.67 19.21
C ASP B 198 10.85 22.83 19.94
N LEU B 199 10.40 24.07 20.17
CA LEU B 199 9.15 24.29 20.89
C LEU B 199 7.96 23.77 20.10
N MET B 200 7.96 23.97 18.78
CA MET B 200 6.86 23.48 17.95
C MET B 200 6.79 21.96 17.96
N LYS B 201 7.92 21.28 17.81
CA LYS B 201 7.93 19.82 17.84
C LYS B 201 7.48 19.30 19.19
N ASN B 202 7.80 20.04 20.26
CA ASN B 202 7.43 19.64 21.61
C ASN B 202 5.92 19.75 21.83
N LEU B 203 5.32 20.87 21.42
CA LEU B 203 3.86 20.97 21.45
C LEU B 203 3.22 19.96 20.50
N ARG B 204 3.87 19.62 19.39
CA ARG B 204 3.29 18.68 18.45
C ARG B 204 3.19 17.29 19.07
N GLU B 205 4.18 16.91 19.88
CA GLU B 205 4.12 15.61 20.55
C GLU B 205 2.98 15.56 21.57
N CYS B 206 2.81 16.64 22.35
CA CYS B 206 1.69 16.73 23.28
C CYS B 206 0.35 16.64 22.54
N SER B 207 0.23 17.38 21.44
CA SER B 207 -1.01 17.38 20.68
C SER B 207 -1.35 15.98 20.17
N ALA B 208 -0.37 15.31 19.58
CA ALA B 208 -0.62 13.98 19.03
C ALA B 208 -1.03 13.00 20.12
N LYS B 209 -0.37 13.07 21.27
CA LYS B 209 -0.65 12.12 22.34
C LYS B 209 -1.98 12.43 23.00
N ILE B 210 -2.33 13.71 23.12
CA ILE B 210 -3.61 14.07 23.70
C ILE B 210 -4.77 13.65 22.80
N THR B 211 -4.66 13.90 21.49
CA THR B 211 -5.78 13.64 20.60
C THR B 211 -6.00 12.14 20.43
N TRP B 212 -4.92 11.37 20.36
CA TRP B 212 -5.07 9.91 20.20
C TRP B 212 -5.62 9.27 21.47
N LEU B 213 -5.20 9.77 22.63
CA LEU B 213 -5.81 9.34 23.88
C LEU B 213 -7.30 9.62 23.88
N ALA B 214 -7.69 10.84 23.47
CA ALA B 214 -9.08 11.27 23.55
C ALA B 214 -10.00 10.48 22.63
N THR B 215 -9.48 9.77 21.64
CA THR B 215 -10.33 9.01 20.74
C THR B 215 -10.16 7.51 20.86
N THR B 216 -9.16 7.02 21.61
CA THR B 216 -8.88 5.58 21.69
C THR B 216 -8.69 5.00 23.08
N LYS B 217 -8.64 5.80 24.14
CA LYS B 217 -8.20 5.29 25.44
C LYS B 217 -9.20 4.29 26.03
N THR B 218 -10.50 4.57 25.91
CA THR B 218 -11.53 3.72 26.51
C THR B 218 -12.63 3.44 25.48
N ASP B 219 -13.47 2.44 25.78
CA ASP B 219 -14.61 2.12 24.91
C ASP B 219 -15.53 3.32 24.73
N THR B 220 -15.81 4.06 25.80
CA THR B 220 -16.72 5.21 25.68
C THR B 220 -16.13 6.28 24.77
N LEU B 221 -14.85 6.58 24.93
CA LEU B 221 -14.18 7.55 24.06
C LEU B 221 -14.25 7.10 22.61
N ARG B 222 -14.09 5.80 22.36
CA ARG B 222 -14.16 5.31 20.99
C ARG B 222 -15.57 5.41 20.44
N LYS B 223 -16.57 4.95 21.20
CA LYS B 223 -17.95 4.98 20.74
C LYS B 223 -18.40 6.40 20.41
N LEU B 224 -18.15 7.35 21.31
CA LEU B 224 -18.68 8.70 21.16
C LEU B 224 -17.94 9.51 20.11
N SER B 225 -16.63 9.34 19.99
CA SER B 225 -15.89 10.11 18.99
C SER B 225 -16.03 9.53 17.59
N GLY B 226 -16.14 8.20 17.45
CA GLY B 226 -16.11 7.65 16.12
C GLY B 226 -17.19 6.63 15.76
N GLY B 227 -18.05 6.28 16.72
CA GLY B 227 -19.04 5.24 16.47
C GLY B 227 -20.03 5.61 15.38
N LEU B 228 -20.33 6.91 15.23
CA LEU B 228 -21.26 7.32 14.20
C LEU B 228 -20.65 7.28 12.81
N LEU B 229 -19.33 7.46 12.72
CA LEU B 229 -18.67 7.34 11.43
C LEU B 229 -18.82 5.93 10.89
N LEU B 230 -18.60 4.95 11.76
CA LEU B 230 -18.80 3.56 11.38
C LEU B 230 -20.25 3.30 11.00
N ASN B 231 -21.17 3.77 11.84
CA ASN B 231 -22.58 3.49 11.61
C ASN B 231 -23.01 3.97 10.23
N ASP B 232 -22.63 5.20 9.85
CA ASP B 232 -23.04 5.73 8.56
C ASP B 232 -22.32 5.04 7.41
N LEU B 233 -21.02 4.76 7.59
CA LEU B 233 -20.30 4.07 6.54
C LEU B 233 -20.92 2.70 6.28
N PHE B 234 -21.28 1.99 7.34
CA PHE B 234 -21.92 0.69 7.12
C PHE B 234 -23.33 0.83 6.59
N ASN B 235 -24.05 1.91 6.94
CA ASN B 235 -25.35 2.12 6.31
C ASN B 235 -25.18 2.27 4.80
N ASP B 236 -24.15 2.99 4.37
CA ASP B 236 -23.84 3.14 2.95
C ASP B 236 -23.39 1.82 2.35
N MET B 237 -22.43 1.17 2.99
CA MET B 237 -21.83 -0.02 2.40
C MET B 237 -22.82 -1.17 2.32
N ASP B 238 -23.77 -1.26 3.26
CA ASP B 238 -24.78 -2.31 3.14
C ASP B 238 -25.59 -2.17 1.84
N GLN B 239 -25.74 -0.95 1.33
CA GLN B 239 -26.41 -0.79 0.04
C GLN B 239 -25.45 -1.06 -1.11
N ILE B 240 -24.22 -0.54 -1.03
CA ILE B 240 -23.29 -0.62 -2.17
C ILE B 240 -22.95 -2.08 -2.47
N THR B 241 -22.76 -2.89 -1.42
CA THR B 241 -22.43 -4.31 -1.57
C THR B 241 -23.60 -5.16 -2.06
N GLN B 242 -24.81 -4.59 -2.14
CA GLN B 242 -25.92 -5.24 -2.83
C GLN B 242 -26.09 -4.75 -4.27
N GLY B 243 -25.16 -3.94 -4.77
CA GLY B 243 -25.29 -3.39 -6.11
C GLY B 243 -26.15 -2.15 -6.21
N LYS B 244 -26.56 -1.58 -5.09
CA LYS B 244 -27.43 -0.41 -5.05
C LYS B 244 -26.60 0.86 -4.86
N ALA B 245 -27.26 1.99 -5.10
CA ALA B 245 -26.59 3.28 -4.95
C ALA B 245 -26.19 3.53 -3.49
N GLN B 246 -25.14 4.32 -3.31
CA GLN B 246 -24.87 4.87 -2.00
C GLN B 246 -26.08 5.71 -1.57
N PRO B 247 -26.59 5.55 -0.36
CA PRO B 247 -27.78 6.31 0.03
C PRO B 247 -27.56 7.81 -0.12
N ASN B 248 -28.54 8.47 -0.71
CA ASN B 248 -28.61 9.93 -0.85
C ASN B 248 -27.59 10.51 -1.81
N ALA B 249 -26.79 9.69 -2.50
CA ALA B 249 -25.80 10.25 -3.43
C ALA B 249 -26.52 10.87 -4.62
N PRO B 250 -26.17 12.11 -5.01
CA PRO B 250 -26.88 12.76 -6.13
C PRO B 250 -26.84 11.95 -7.42
N GLY B 251 -25.71 11.33 -7.75
CA GLY B 251 -25.66 10.58 -8.98
C GLY B 251 -26.18 9.15 -8.91
N GLY B 252 -26.83 8.76 -7.82
CA GLY B 252 -27.32 7.38 -7.71
C GLY B 252 -26.23 6.36 -7.97
N LYS B 253 -26.58 5.29 -8.71
CA LYS B 253 -25.62 4.25 -8.99
C LYS B 253 -24.43 4.74 -9.80
N ASP B 254 -24.55 5.91 -10.45
CA ASP B 254 -23.43 6.47 -11.20
C ASP B 254 -22.32 6.97 -10.31
N SER B 255 -22.62 7.29 -9.03
CA SER B 255 -21.68 7.96 -8.13
C SER B 255 -20.73 6.94 -7.53
N LYS B 256 -19.44 7.06 -7.87
CA LYS B 256 -18.41 6.07 -7.54
C LYS B 256 -17.39 6.58 -6.53
N LEU B 257 -17.35 7.88 -6.26
CA LEU B 257 -16.35 8.46 -5.38
C LEU B 257 -17.02 9.50 -4.52
N ASN B 258 -16.90 9.34 -3.21
CA ASN B 258 -17.42 10.29 -2.23
C ASN B 258 -16.24 10.96 -1.56
N VAL B 259 -16.17 12.30 -1.61
CA VAL B 259 -15.04 13.05 -1.05
C VAL B 259 -15.60 13.94 0.04
N PHE B 260 -15.16 13.70 1.28
CA PHE B 260 -15.66 14.34 2.50
C PHE B 260 -14.53 15.17 3.09
N THR B 261 -14.62 16.50 2.98
CA THR B 261 -13.57 17.38 3.47
C THR B 261 -13.91 17.84 4.88
N VAL B 262 -12.95 17.67 5.80
CA VAL B 262 -13.21 17.86 7.22
C VAL B 262 -12.07 18.64 7.85
N SER B 263 -12.31 19.10 9.08
CA SER B 263 -11.27 19.58 9.98
C SER B 263 -10.51 18.40 10.58
N GLN B 264 -9.38 18.71 11.22
CA GLN B 264 -8.44 17.67 11.62
C GLN B 264 -9.05 16.67 12.60
N PHE B 265 -9.92 17.13 13.50
CA PHE B 265 -10.42 16.24 14.53
C PHE B 265 -11.20 15.08 13.95
N LEU B 266 -11.81 15.25 12.78
CA LEU B 266 -12.55 14.13 12.18
C LEU B 266 -11.63 13.11 11.52
N VAL B 267 -10.50 13.56 10.95
CA VAL B 267 -9.50 12.61 10.48
C VAL B 267 -8.98 11.76 11.64
N ILE B 268 -8.69 12.41 12.78
CA ILE B 268 -8.26 11.68 13.98
C ILE B 268 -9.33 10.69 14.40
N SER B 269 -10.56 11.16 14.51
CA SER B 269 -11.67 10.30 14.95
C SER B 269 -11.87 9.14 13.99
N GLN B 270 -11.74 9.41 12.69
CA GLN B 270 -11.95 8.36 11.70
C GLN B 270 -10.83 7.32 11.75
N LEU B 271 -9.58 7.76 11.91
CA LEU B 271 -8.47 6.83 12.10
C LEU B 271 -8.69 5.95 13.33
N ALA B 272 -9.04 6.58 14.44
CA ALA B 272 -9.29 5.84 15.67
C ALA B 272 -10.37 4.80 15.45
N ALA B 273 -11.46 5.20 14.79
CA ALA B 273 -12.58 4.30 14.50
C ALA B 273 -12.16 3.11 13.68
N PHE B 274 -11.14 3.28 12.82
CA PHE B 274 -10.62 2.22 11.98
C PHE B 274 -9.49 1.44 12.64
N MET B 275 -9.14 1.71 13.90
CA MET B 275 -8.08 0.95 14.58
C MET B 275 -8.55 0.51 15.96
N PRO B 276 -9.49 -0.43 16.03
CA PRO B 276 -9.76 -1.11 17.30
C PRO B 276 -8.52 -1.85 17.77
N GLU B 277 -8.52 -2.23 19.06
CA GLU B 277 -7.37 -2.91 19.65
C GLU B 277 -6.88 -4.04 18.75
N GLY B 278 -5.56 -4.09 18.53
CA GLY B 278 -4.96 -5.13 17.71
C GLY B 278 -4.78 -4.78 16.25
N SER B 279 -5.31 -3.65 15.80
CA SER B 279 -5.16 -3.25 14.40
C SER B 279 -3.74 -2.78 14.11
N LYS B 280 -3.36 -2.82 12.83
CA LYS B 280 -2.01 -2.52 12.40
C LYS B 280 -2.03 -1.45 11.32
N LEU B 281 -0.94 -0.69 11.26
CA LEU B 281 -0.68 0.25 10.19
C LEU B 281 0.61 -0.20 9.51
N ASN B 282 0.49 -0.58 8.23
CA ASN B 282 1.58 -1.19 7.47
C ASN B 282 2.23 -2.32 8.27
N ASN B 283 1.38 -3.15 8.87
CA ASN B 283 1.74 -4.38 9.55
C ASN B 283 2.42 -4.12 10.89
N LYS B 284 2.40 -2.88 11.37
CA LYS B 284 3.02 -2.49 12.63
C LYS B 284 2.01 -1.87 13.57
N ALA B 285 2.23 -2.07 14.87
CA ALA B 285 1.58 -1.20 15.83
C ALA B 285 2.03 0.24 15.59
N VAL B 286 1.19 1.18 15.98
CA VAL B 286 1.48 2.57 15.68
C VAL B 286 1.44 3.37 16.98
N THR B 287 2.18 4.48 17.00
CA THR B 287 2.20 5.38 18.13
C THR B 287 1.40 6.63 17.80
N ALA B 288 1.01 7.38 18.84
CA ALA B 288 0.29 8.63 18.61
C ALA B 288 1.08 9.57 17.72
N SER B 289 2.40 9.68 17.95
CA SER B 289 3.18 10.64 17.17
C SER B 289 3.29 10.22 15.71
N ASP B 290 3.34 8.91 15.43
CA ASP B 290 3.41 8.47 14.05
C ASP B 290 2.14 8.86 13.29
N ILE B 291 0.97 8.64 13.89
CA ILE B 291 -0.29 8.67 13.16
C ILE B 291 -0.93 10.05 13.12
N TYR B 292 -0.43 11.01 13.88
CA TYR B 292 -1.04 12.33 13.95
C TYR B 292 -1.25 12.91 12.55
N PRO B 293 -2.48 13.23 12.16
CA PRO B 293 -2.72 13.71 10.79
C PRO B 293 -2.11 15.09 10.57
N GLU B 294 -1.19 15.16 9.61
CA GLU B 294 -0.56 16.42 9.27
C GLU B 294 -1.38 17.11 8.18
N ASP B 295 -0.85 18.23 7.66
CA ASP B 295 -1.46 18.88 6.52
C ASP B 295 -1.44 17.95 5.31
N GLY B 296 -2.56 17.90 4.59
CA GLY B 296 -2.66 17.06 3.40
C GLY B 296 -3.03 15.62 3.68
N SER B 297 -3.49 15.32 4.87
CA SER B 297 -3.78 13.93 5.25
C SER B 297 -5.15 13.53 4.73
N HIS B 298 -5.33 12.22 4.51
CA HIS B 298 -6.65 11.72 4.13
C HIS B 298 -6.71 10.23 4.37
N VAL B 299 -7.93 9.73 4.54
CA VAL B 299 -8.21 8.30 4.67
C VAL B 299 -9.07 7.89 3.49
N ASP B 300 -8.69 6.79 2.84
CA ASP B 300 -9.34 6.28 1.63
C ASP B 300 -9.88 4.89 1.94
N ILE B 301 -11.16 4.67 1.65
CA ILE B 301 -11.87 3.42 1.94
C ILE B 301 -12.21 2.82 0.60
N GLU B 302 -11.51 1.77 0.20
CA GLU B 302 -11.66 1.24 -1.15
C GLU B 302 -12.45 -0.06 -1.12
N MET B 303 -13.47 -0.11 -1.96
CA MET B 303 -14.44 -1.21 -2.00
C MET B 303 -14.20 -2.00 -3.28
N TYR B 304 -13.92 -3.29 -3.12
CA TYR B 304 -13.61 -4.20 -4.21
C TYR B 304 -14.67 -5.28 -4.32
N GLN B 305 -14.93 -5.71 -5.56
CA GLN B 305 -15.87 -6.78 -5.83
C GLN B 305 -15.28 -7.69 -6.88
N GLU B 306 -15.17 -8.99 -6.55
CA GLU B 306 -14.74 -10.03 -7.48
C GLU B 306 -15.81 -11.11 -7.49
N ASN B 307 -16.64 -11.12 -8.53
CA ASN B 307 -17.76 -12.05 -8.68
C ASN B 307 -18.62 -12.07 -7.41
N ASN B 308 -19.31 -10.95 -7.19
CA ASN B 308 -20.23 -10.77 -6.06
C ASN B 308 -19.61 -11.00 -4.69
N LYS B 309 -18.27 -11.16 -4.60
CA LYS B 309 -17.54 -11.20 -3.34
C LYS B 309 -16.93 -9.81 -3.06
N TRP B 310 -17.42 -9.14 -2.03
CA TRP B 310 -17.00 -7.77 -1.72
C TRP B 310 -15.95 -7.76 -0.63
N SER B 311 -14.94 -6.90 -0.81
CA SER B 311 -13.93 -6.67 0.22
C SER B 311 -13.66 -5.17 0.36
N VAL B 312 -13.06 -4.80 1.49
CA VAL B 312 -12.77 -3.40 1.82
C VAL B 312 -11.32 -3.26 2.25
N LYS B 313 -10.65 -2.22 1.71
CA LYS B 313 -9.28 -1.88 2.07
C LYS B 313 -9.25 -0.46 2.61
N LEU B 314 -8.51 -0.26 3.70
CA LEU B 314 -8.42 1.01 4.41
C LEU B 314 -7.02 1.57 4.22
N VAL B 315 -6.93 2.80 3.72
CA VAL B 315 -5.65 3.39 3.36
C VAL B 315 -5.53 4.75 4.04
N TYR B 316 -4.38 5.01 4.66
CA TYR B 316 -4.14 6.26 5.38
C TYR B 316 -2.95 7.01 4.82
N VAL B 317 -3.15 8.28 4.46
CA VAL B 317 -2.07 9.17 4.05
C VAL B 317 -1.93 10.21 5.15
N SER B 318 -0.81 10.19 5.84
CA SER B 318 -0.69 10.95 7.06
C SER B 318 -0.36 12.41 6.80
N GLY B 319 -0.08 12.77 5.55
CA GLY B 319 0.26 14.15 5.21
C GLY B 319 0.56 14.26 3.73
N LYS B 320 0.74 15.51 3.29
CA LYS B 320 0.80 15.78 1.85
C LYS B 320 1.91 14.99 1.16
N ASP B 321 3.11 14.95 1.75
CA ASP B 321 4.26 14.31 1.13
C ASP B 321 4.56 12.95 1.74
N LYS B 322 3.53 12.16 2.07
CA LYS B 322 3.69 10.85 2.71
C LYS B 322 3.04 9.76 1.87
N GLN B 323 3.66 8.58 1.87
CA GLN B 323 3.12 7.43 1.16
C GLN B 323 1.91 6.85 1.90
N PRO B 324 0.96 6.28 1.16
CA PRO B 324 -0.18 5.62 1.82
C PRO B 324 0.29 4.39 2.56
N GLN B 325 -0.33 4.15 3.72
CA GLN B 325 -0.13 2.93 4.50
C GLN B 325 -1.47 2.25 4.73
N THR B 326 -1.45 0.93 4.79
CA THR B 326 -2.69 0.17 4.86
C THR B 326 -3.00 -0.20 6.30
N ILE B 327 -4.23 0.06 6.72
CA ILE B 327 -4.71 -0.44 7.99
C ILE B 327 -5.14 -1.89 7.83
N THR B 328 -4.80 -2.73 8.79
CA THR B 328 -5.33 -4.08 8.82
C THR B 328 -5.96 -4.33 10.18
N LEU B 329 -7.20 -4.83 10.16
CA LEU B 329 -7.94 -5.10 11.36
C LEU B 329 -7.55 -6.46 11.93
N PRO B 330 -7.78 -6.67 13.24
CA PRO B 330 -7.38 -7.94 13.85
C PRO B 330 -8.07 -9.13 13.19
N GLY B 331 -7.28 -10.11 12.76
CA GLY B 331 -7.78 -11.31 12.12
C GLY B 331 -8.00 -11.19 10.63
N CYS B 332 -7.80 -10.00 10.06
CA CYS B 332 -8.04 -9.74 8.65
C CYS B 332 -6.76 -9.24 7.98
N GLN B 333 -6.82 -9.13 6.66
CA GLN B 333 -5.70 -8.74 5.82
C GLN B 333 -6.02 -7.43 5.10
N GLU B 334 -5.18 -7.08 4.11
CA GLU B 334 -5.25 -5.74 3.49
C GLU B 334 -6.60 -5.50 2.81
N LYS B 335 -7.11 -6.46 2.05
CA LYS B 335 -8.47 -6.41 1.51
C LYS B 335 -9.31 -7.34 2.38
N CYS B 336 -10.20 -6.79 3.19
CA CYS B 336 -10.93 -7.57 4.18
C CYS B 336 -12.30 -7.92 3.65
N PRO B 337 -12.66 -9.21 3.55
CA PRO B 337 -14.02 -9.55 3.10
C PRO B 337 -15.07 -8.80 3.90
N TYR B 338 -16.09 -8.30 3.20
CA TYR B 338 -16.97 -7.28 3.79
C TYR B 338 -17.60 -7.75 5.09
N GLU B 339 -18.07 -9.00 5.16
CA GLU B 339 -18.72 -9.45 6.40
C GLU B 339 -17.73 -9.51 7.56
N GLN B 340 -16.50 -9.96 7.30
CA GLN B 340 -15.46 -10.00 8.34
C GLN B 340 -15.05 -8.58 8.73
N PHE B 341 -14.97 -7.69 7.74
CA PHE B 341 -14.68 -6.27 7.96
C PHE B 341 -15.69 -5.63 8.89
N LYS B 342 -16.98 -5.78 8.56
CA LYS B 342 -18.01 -5.22 9.42
C LYS B 342 -18.00 -5.86 10.81
N SER B 343 -17.86 -7.18 10.88
CA SER B 343 -17.80 -7.83 12.19
C SER B 343 -16.64 -7.30 13.02
N ALA B 344 -15.48 -7.05 12.40
CA ALA B 344 -14.35 -6.55 13.16
C ALA B 344 -14.57 -5.16 13.70
N LEU B 345 -15.46 -4.39 13.07
CA LEU B 345 -15.69 -3.01 13.48
C LEU B 345 -16.97 -2.84 14.26
N GLN B 346 -17.56 -3.92 14.75
CA GLN B 346 -18.88 -3.79 15.36
C GLN B 346 -18.82 -3.18 16.75
N LYS B 347 -17.70 -3.36 17.47
CA LYS B 347 -17.77 -3.16 18.91
C LYS B 347 -18.03 -1.71 19.28
N TYR B 348 -17.41 -0.76 18.58
CA TYR B 348 -17.56 0.66 18.92
C TYR B 348 -18.54 1.39 18.01
N LYS B 349 -19.16 0.69 17.07
CA LYS B 349 -20.22 1.28 16.25
C LYS B 349 -21.44 1.61 17.11
N ILE B 350 -22.13 2.70 16.76
CA ILE B 350 -23.25 3.17 17.56
C ILE B 350 -24.25 3.88 16.66
N THR B 351 -25.55 3.72 16.91
CA THR B 351 -26.50 4.47 16.10
C THR B 351 -26.71 5.87 16.66
N ASP B 352 -27.31 6.74 15.85
CA ASP B 352 -27.58 8.10 16.31
C ASP B 352 -28.42 8.10 17.58
N GLU B 353 -29.48 7.28 17.62
CA GLU B 353 -30.32 7.26 18.81
C GLU B 353 -29.55 6.80 20.04
N GLU B 354 -28.73 5.76 19.90
CA GLU B 354 -27.87 5.31 20.99
C GLU B 354 -26.85 6.38 21.37
N HIS B 355 -26.26 7.04 20.37
CA HIS B 355 -25.21 8.02 20.63
C HIS B 355 -25.78 9.22 21.40
N GLN B 356 -26.98 9.67 21.02
CA GLN B 356 -27.63 10.76 21.73
C GLN B 356 -27.88 10.38 23.18
N LYS B 357 -28.29 9.12 23.42
CA LYS B 357 -28.48 8.63 24.77
C LYS B 357 -27.15 8.52 25.52
N ALA B 358 -26.13 7.95 24.88
CA ALA B 358 -24.86 7.79 25.58
C ALA B 358 -24.16 9.13 25.83
N CYS B 359 -24.51 10.18 25.07
CA CYS B 359 -23.88 11.47 25.29
C CYS B 359 -24.36 12.12 26.58
N LYS B 360 -25.56 11.79 27.03
CA LYS B 360 -26.24 12.51 28.11
C LYS B 360 -26.60 11.66 29.32
N ASN B 361 -26.79 10.35 29.16
CA ASN B 361 -27.23 9.50 30.26
C ASN B 361 -26.16 9.29 31.33
#